data_5I5V
#
_entry.id   5I5V
#
_cell.length_a   69.500
_cell.length_b   105.537
_cell.length_c   106.829
_cell.angle_alpha   90.000
_cell.angle_beta   90.000
_cell.angle_gamma   90.000
#
_symmetry.space_group_name_H-M   'P 21 21 21'
#
loop_
_entity.id
_entity.type
_entity.pdbx_description
1 polymer 'Branched-chain-amino-acid aminotransferase, mitochondrial'
2 non-polymer "PYRIDOXAL-5'-PHOSPHATE"
3 non-polymer '3,5-dimethyl-4-oxo-3,4-dihydrothieno[2,3-d]pyrimidine-6-carboxylic acid'
4 non-polymer 'CHLORIDE ION'
5 non-polymer 1,2-ETHANEDIOL
6 non-polymer 'DIMETHYL SULFOXIDE'
7 non-polymer GLYCEROL
8 water water
#
_entity_poly.entity_id   1
_entity_poly.type   'polypeptide(L)'
_entity_poly.pdbx_seq_one_letter_code
;GSHMASSSFKAADLQLEMTQKPHKKPGPGEPLVFGKTFTDHMLMVEWNDKGWGQPRIQPFQNLTLHPASSSLHYSLQLFE
GMKAFKGKDQQVRLFRPWLNMDRMLRSAMRLCLPSFDKLELLECIRRLIEVDKDWVPDAAGTSLYVRPVLIGNEPSLGVS
QPTRALLFVILCPVGAYFPGGSVTPVSLLADPAFIRAWVGGVGNYKLGGNYGPTVLVQQEALKRGCEQVLWLYGPDHQLT
EVGTMNIFVYWTHEDGVLELVTPPLNGVILPGVVRQSLLDMAQTWGEFRVVERTITMKQLLRALEEGRVREVFGSGTACQ
VCPVHRILYKDRNLHIPTMENGPELILRFQKELKEIQYGIRAHEWMFPV
;
_entity_poly.pdbx_strand_id   A,B
#
# COMPACT_ATOMS: atom_id res chain seq x y z
N SER A 7 -13.64 2.46 -22.64
CA SER A 7 -15.05 2.04 -22.39
C SER A 7 -15.52 2.41 -20.97
N SER A 8 -16.84 2.43 -20.77
CA SER A 8 -17.40 2.74 -19.47
C SER A 8 -18.77 2.15 -19.30
N PHE A 9 -19.09 1.81 -18.06
CA PHE A 9 -20.44 1.46 -17.70
C PHE A 9 -21.28 2.74 -17.84
N LYS A 10 -22.59 2.57 -18.02
CA LYS A 10 -23.51 3.69 -18.18
C LYS A 10 -24.57 3.67 -17.09
N ALA A 11 -24.92 4.84 -16.57
CA ALA A 11 -26.01 4.95 -15.58
C ALA A 11 -27.35 4.46 -16.17
N ALA A 12 -27.52 4.61 -17.48
CA ALA A 12 -28.75 4.14 -18.16
C ALA A 12 -28.98 2.65 -17.99
N ASP A 13 -27.91 1.89 -17.77
CA ASP A 13 -27.99 0.44 -17.64
C ASP A 13 -28.06 -0.05 -16.20
N LEU A 14 -28.26 0.87 -15.25
CA LEU A 14 -28.33 0.52 -13.83
C LEU A 14 -29.43 -0.48 -13.55
N GLN A 15 -29.11 -1.54 -12.81
CA GLN A 15 -30.14 -2.45 -12.31
C GLN A 15 -30.32 -2.21 -10.82
N LEU A 16 -31.57 -2.02 -10.39
CA LEU A 16 -31.86 -1.80 -8.98
C LEU A 16 -32.36 -3.06 -8.30
N GLU A 17 -31.64 -3.49 -7.27
CA GLU A 17 -32.11 -4.56 -6.42
C GLU A 17 -32.38 -3.97 -5.04
N MET A 18 -33.66 -3.78 -4.71
CA MET A 18 -34.01 -3.25 -3.40
C MET A 18 -33.80 -4.29 -2.30
N THR A 19 -33.36 -3.83 -1.13
CA THR A 19 -33.13 -4.70 0.01
C THR A 19 -34.45 -5.23 0.53
N GLN A 20 -34.41 -6.47 1.01
CA GLN A 20 -35.54 -7.12 1.66
C GLN A 20 -35.28 -7.22 3.16
N LYS A 21 -34.15 -6.67 3.63
CA LYS A 21 -33.79 -6.66 5.05
C LYS A 21 -33.30 -5.26 5.44
N PRO A 22 -34.18 -4.26 5.40
CA PRO A 22 -33.71 -2.92 5.71
C PRO A 22 -33.25 -2.80 7.16
N HIS A 23 -32.20 -2.02 7.39
CA HIS A 23 -31.66 -1.83 8.74
C HIS A 23 -32.38 -0.69 9.44
N LYS A 24 -32.52 -0.82 10.76
CA LYS A 24 -33.08 0.25 11.59
C LYS A 24 -32.07 1.39 11.56
N LYS A 25 -32.56 2.62 11.39
CA LYS A 25 -31.70 3.79 11.28
C LYS A 25 -31.35 4.28 12.69
N PRO A 26 -30.21 4.98 12.84
CA PRO A 26 -29.81 5.40 14.20
C PRO A 26 -30.77 6.44 14.79
N GLY A 27 -31.01 6.34 16.10
CA GLY A 27 -31.91 7.25 16.82
C GLY A 27 -31.72 8.72 16.47
N PRO A 31 -25.92 8.66 18.71
CA PRO A 31 -24.48 8.91 18.67
C PRO A 31 -23.78 8.28 17.45
N LEU A 32 -23.70 9.04 16.36
CA LEU A 32 -23.10 8.56 15.10
C LEU A 32 -21.57 8.56 15.13
N VAL A 33 -20.97 7.39 15.31
CA VAL A 33 -19.51 7.22 15.29
C VAL A 33 -19.07 7.01 13.85
N PHE A 34 -18.07 7.78 13.41
CA PHE A 34 -17.68 7.74 12.00
C PHE A 34 -17.33 6.35 11.47
N GLY A 35 -17.84 6.07 10.27
CA GLY A 35 -17.45 4.89 9.50
C GLY A 35 -17.92 3.54 10.00
N LYS A 36 -18.81 3.51 10.99
CA LYS A 36 -19.27 2.23 11.55
C LYS A 36 -20.70 1.86 11.12
N THR A 37 -21.48 2.84 10.71
CA THR A 37 -22.87 2.63 10.35
C THR A 37 -23.06 2.83 8.86
N PHE A 38 -23.61 1.82 8.20
CA PHE A 38 -23.79 1.84 6.76
C PHE A 38 -25.26 1.83 6.36
N THR A 39 -25.54 2.39 5.19
CA THR A 39 -26.89 2.44 4.66
C THR A 39 -27.29 1.09 4.04
N ASP A 40 -28.52 1.02 3.55
CA ASP A 40 -29.12 -0.23 3.06
C ASP A 40 -28.58 -0.71 1.73
N HIS A 41 -28.14 0.20 0.88
CA HIS A 41 -27.68 -0.18 -0.45
C HIS A 41 -26.25 0.23 -0.76
N MET A 42 -25.71 -0.40 -1.81
CA MET A 42 -24.37 -0.11 -2.33
C MET A 42 -24.36 -0.14 -3.85
N LEU A 43 -23.43 0.58 -4.46
CA LEU A 43 -23.19 0.46 -5.89
C LEU A 43 -22.15 -0.65 -6.10
N MET A 44 -22.34 -1.44 -7.15
CA MET A 44 -21.34 -2.46 -7.54
C MET A 44 -21.22 -2.49 -9.05
N VAL A 45 -19.98 -2.43 -9.56
CA VAL A 45 -19.72 -2.63 -10.99
C VAL A 45 -18.46 -3.48 -11.15
N GLU A 46 -18.53 -4.53 -11.97
CA GLU A 46 -17.37 -5.39 -12.22
C GLU A 46 -16.77 -5.13 -13.58
N TRP A 47 -15.47 -5.39 -13.72
CA TRP A 47 -14.75 -5.19 -14.98
C TRP A 47 -13.92 -6.45 -15.26
N ASN A 48 -13.87 -6.84 -16.53
CA ASN A 48 -13.07 -7.96 -16.98
C ASN A 48 -12.67 -7.74 -18.43
N ASP A 49 -12.18 -8.80 -19.08
CA ASP A 49 -11.75 -8.76 -20.49
C ASP A 49 -12.80 -8.22 -21.45
N LYS A 50 -14.07 -8.41 -21.11
CA LYS A 50 -15.17 -7.91 -21.94
C LYS A 50 -15.51 -6.45 -21.60
N GLY A 51 -14.78 -5.84 -20.66
CA GLY A 51 -15.05 -4.48 -20.23
C GLY A 51 -15.93 -4.43 -19.00
N TRP A 52 -16.59 -3.29 -18.80
CA TRP A 52 -17.44 -3.09 -17.63
C TRP A 52 -18.78 -3.82 -17.77
N GLY A 53 -19.23 -4.48 -16.70
CA GLY A 53 -20.54 -5.09 -16.65
C GLY A 53 -21.58 -4.03 -16.38
N GLN A 54 -22.83 -4.41 -16.15
CA GLN A 54 -23.85 -3.40 -15.91
C GLN A 54 -23.69 -2.95 -14.46
N PRO A 55 -23.84 -1.64 -14.21
CA PRO A 55 -23.76 -1.19 -12.81
C PRO A 55 -25.01 -1.60 -12.04
N ARG A 56 -24.87 -1.87 -10.75
CA ARG A 56 -26.06 -2.17 -9.97
C ARG A 56 -26.09 -1.56 -8.59
N ILE A 57 -27.30 -1.16 -8.22
CA ILE A 57 -27.57 -0.74 -6.86
C ILE A 57 -28.15 -2.01 -6.26
N GLN A 58 -27.52 -2.47 -5.21
CA GLN A 58 -27.92 -3.71 -4.57
C GLN A 58 -27.87 -3.57 -3.08
N PRO A 59 -28.41 -4.57 -2.36
CA PRO A 59 -28.34 -4.46 -0.92
C PRO A 59 -26.90 -4.54 -0.42
N PHE A 60 -26.61 -3.74 0.61
CA PHE A 60 -25.32 -3.78 1.29
C PHE A 60 -25.02 -5.23 1.63
N GLN A 61 -23.88 -5.73 1.19
CA GLN A 61 -23.56 -7.15 1.38
C GLN A 61 -22.05 -7.37 1.31
N ASN A 62 -21.59 -8.55 1.71
CA ASN A 62 -20.17 -8.85 1.65
C ASN A 62 -19.63 -8.98 0.25
N LEU A 63 -18.31 -8.80 0.13
CA LEU A 63 -17.64 -9.03 -1.13
C LEU A 63 -17.17 -10.49 -1.13
N THR A 64 -17.21 -11.13 -2.30
CA THR A 64 -16.68 -12.47 -2.49
C THR A 64 -15.41 -12.37 -3.32
N LEU A 65 -14.28 -12.74 -2.72
CA LEU A 65 -12.99 -12.54 -3.37
C LEU A 65 -12.13 -13.80 -3.39
N HIS A 66 -11.58 -14.10 -4.56
CA HIS A 66 -10.59 -15.17 -4.73
C HIS A 66 -9.40 -14.87 -3.78
N PRO A 67 -8.85 -15.89 -3.11
CA PRO A 67 -7.74 -15.68 -2.14
C PRO A 67 -6.47 -15.10 -2.73
N ALA A 68 -6.29 -15.21 -4.04
CA ALA A 68 -5.15 -14.61 -4.77
C ALA A 68 -5.46 -13.21 -5.33
N SER A 69 -6.63 -12.64 -5.02
CA SER A 69 -7.00 -11.31 -5.51
C SER A 69 -5.89 -10.29 -5.33
N SER A 70 -5.48 -9.66 -6.41
CA SER A 70 -4.38 -8.67 -6.36
C SER A 70 -4.69 -7.48 -5.45
N SER A 71 -5.96 -7.27 -5.15
CA SER A 71 -6.37 -6.27 -4.18
C SER A 71 -5.76 -6.53 -2.83
N LEU A 72 -5.55 -7.82 -2.51
CA LEU A 72 -5.13 -8.23 -1.18
C LEU A 72 -3.64 -8.55 -1.04
N HIS A 73 -2.98 -8.79 -2.16
CA HIS A 73 -1.57 -9.14 -2.14
C HIS A 73 -0.67 -7.97 -2.51
N TYR A 74 -1.06 -7.20 -3.53
CA TYR A 74 -0.23 -6.10 -4.03
C TYR A 74 -0.91 -4.74 -3.96
N SER A 75 -1.85 -4.61 -3.04
CA SER A 75 -2.52 -3.33 -2.76
C SER A 75 -3.01 -2.60 -4.02
N LEU A 76 -3.63 -3.32 -4.94
N LEU A 76 -3.66 -3.34 -4.92
CA LEU A 76 -4.23 -2.65 -6.09
CA LEU A 76 -4.30 -2.73 -6.08
C LEU A 76 -5.61 -2.20 -5.63
C LEU A 76 -5.64 -2.23 -5.57
N GLN A 77 -5.61 -1.05 -4.95
CA GLN A 77 -6.79 -0.50 -4.32
C GLN A 77 -6.68 1.00 -4.16
N LEU A 78 -7.80 1.68 -4.35
CA LEU A 78 -7.84 3.12 -4.13
C LEU A 78 -9.24 3.47 -3.68
N PHE A 79 -9.40 4.68 -3.17
CA PHE A 79 -10.68 5.08 -2.65
C PHE A 79 -10.87 6.59 -2.72
N GLU A 80 -12.11 7.01 -2.46
CA GLU A 80 -12.48 8.40 -2.38
C GLU A 80 -13.33 8.64 -1.15
N GLY A 81 -13.57 9.91 -0.89
CA GLY A 81 -14.30 10.35 0.30
C GLY A 81 -14.91 11.69 0.00
N MET A 82 -16.24 11.77 0.10
CA MET A 82 -16.94 13.04 -0.16
C MET A 82 -18.27 13.00 0.60
N LYS A 83 -18.91 14.16 0.68
CA LYS A 83 -20.11 14.29 1.50
C LYS A 83 -21.30 14.84 0.74
N ALA A 84 -22.47 14.31 1.10
CA ALA A 84 -23.76 14.86 0.66
C ALA A 84 -24.36 15.52 1.87
N PHE A 85 -24.99 16.68 1.64
CA PHE A 85 -25.57 17.49 2.70
C PHE A 85 -27.05 17.75 2.42
N LYS A 86 -27.88 17.63 3.44
CA LYS A 86 -29.30 17.95 3.33
C LYS A 86 -29.59 19.32 3.95
N GLY A 87 -30.09 20.25 3.14
CA GLY A 87 -30.45 21.59 3.63
C GLY A 87 -31.84 21.61 4.24
N LYS A 88 -32.29 22.79 4.69
CA LYS A 88 -33.66 22.93 5.23
C LYS A 88 -34.74 22.62 4.19
N ASP A 89 -34.51 23.03 2.94
CA ASP A 89 -35.41 22.68 1.85
C ASP A 89 -35.50 21.17 1.62
N GLN A 90 -34.75 20.41 2.44
CA GLN A 90 -34.69 18.95 2.40
C GLN A 90 -34.09 18.39 1.10
N GLN A 91 -33.47 19.27 0.32
CA GLN A 91 -32.78 18.89 -0.90
C GLN A 91 -31.39 18.40 -0.49
N VAL A 92 -30.95 17.30 -1.10
CA VAL A 92 -29.63 16.75 -0.85
C VAL A 92 -28.69 17.16 -1.99
N ARG A 93 -27.47 17.57 -1.62
CA ARG A 93 -26.49 18.03 -2.59
C ARG A 93 -25.09 17.54 -2.22
N LEU A 94 -24.30 17.23 -3.25
CA LEU A 94 -22.91 16.81 -3.09
C LEU A 94 -22.02 18.01 -3.28
N PHE A 95 -20.95 18.07 -2.50
CA PHE A 95 -19.98 19.17 -2.58
C PHE A 95 -18.87 18.83 -3.59
N ARG A 96 -18.84 19.58 -4.69
CA ARG A 96 -17.80 19.50 -5.73
C ARG A 96 -17.37 18.06 -6.10
N PRO A 97 -18.35 17.17 -6.36
CA PRO A 97 -18.07 15.76 -6.61
C PRO A 97 -17.22 15.51 -7.83
N TRP A 98 -17.28 16.41 -8.81
CA TRP A 98 -16.51 16.29 -10.03
C TRP A 98 -15.01 16.19 -9.71
N LEU A 99 -14.58 16.91 -8.68
CA LEU A 99 -13.16 16.90 -8.27
C LEU A 99 -12.75 15.53 -7.67
N ASN A 100 -13.62 14.94 -6.87
CA ASN A 100 -13.39 13.56 -6.39
C ASN A 100 -13.33 12.55 -7.53
N MET A 101 -14.20 12.73 -8.54
CA MET A 101 -14.18 11.84 -9.69
C MET A 101 -12.88 12.00 -10.48
N ASP A 102 -12.41 13.24 -10.66
CA ASP A 102 -11.12 13.49 -11.35
C ASP A 102 -9.96 12.80 -10.58
N ARG A 103 -9.96 12.97 -9.26
CA ARG A 103 -8.88 12.44 -8.44
C ARG A 103 -8.91 10.90 -8.45
N MET A 104 -10.12 10.35 -8.46
CA MET A 104 -10.30 8.91 -8.46
C MET A 104 -9.76 8.30 -9.76
N LEU A 105 -10.02 8.96 -10.88
CA LEU A 105 -9.53 8.50 -12.17
C LEU A 105 -8.02 8.60 -12.26
N ARG A 106 -7.42 9.64 -11.67
CA ARG A 106 -5.94 9.73 -11.63
C ARG A 106 -5.34 8.59 -10.79
N SER A 107 -5.96 8.30 -9.65
CA SER A 107 -5.58 7.16 -8.83
C SER A 107 -5.65 5.83 -9.61
N ALA A 108 -6.75 5.62 -10.33
CA ALA A 108 -6.91 4.43 -11.14
C ALA A 108 -5.78 4.29 -12.16
N MET A 109 -5.47 5.36 -12.88
CA MET A 109 -4.42 5.29 -13.87
C MET A 109 -3.07 4.96 -13.25
N ARG A 110 -2.79 5.52 -12.06
CA ARG A 110 -1.51 5.30 -11.44
C ARG A 110 -1.33 3.82 -11.08
N LEU A 111 -2.41 3.12 -10.75
CA LEU A 111 -2.37 1.70 -10.40
C LEU A 111 -2.72 0.75 -11.56
N CYS A 112 -2.81 1.27 -12.78
CA CYS A 112 -3.16 0.51 -13.98
C CYS A 112 -4.49 -0.21 -13.82
N LEU A 113 -5.45 0.47 -13.20
CA LEU A 113 -6.80 -0.02 -13.05
C LEU A 113 -7.66 0.60 -14.14
N PRO A 114 -8.81 -0.02 -14.47
CA PRO A 114 -9.57 0.48 -15.62
C PRO A 114 -10.18 1.86 -15.46
N SER A 115 -10.03 2.64 -16.51
CA SER A 115 -10.71 3.91 -16.68
C SER A 115 -12.25 3.71 -16.74
N PHE A 116 -12.97 4.75 -16.34
CA PHE A 116 -14.41 4.79 -16.39
C PHE A 116 -14.78 6.24 -16.72
N ASP A 117 -16.05 6.47 -17.07
CA ASP A 117 -16.50 7.82 -17.39
C ASP A 117 -16.92 8.50 -16.08
N LYS A 118 -16.29 9.64 -15.79
CA LYS A 118 -16.52 10.35 -14.54
C LYS A 118 -17.99 10.79 -14.32
N LEU A 119 -18.65 11.27 -15.38
CA LEU A 119 -20.05 11.69 -15.26
C LEU A 119 -21.00 10.50 -15.07
N GLU A 120 -20.67 9.37 -15.68
CA GLU A 120 -21.47 8.16 -15.51
C GLU A 120 -21.38 7.67 -14.06
N LEU A 121 -20.18 7.64 -13.48
CA LEU A 121 -20.05 7.23 -12.08
C LEU A 121 -20.79 8.20 -11.18
N LEU A 122 -20.64 9.49 -11.42
CA LEU A 122 -21.33 10.49 -10.62
C LEU A 122 -22.85 10.27 -10.67
N GLU A 123 -23.39 9.96 -11.85
CA GLU A 123 -24.83 9.73 -11.96
C GLU A 123 -25.24 8.46 -11.21
N CYS A 124 -24.43 7.41 -11.27
CA CYS A 124 -24.70 6.19 -10.52
C CYS A 124 -24.70 6.48 -9.02
N ILE A 125 -23.71 7.25 -8.57
CA ILE A 125 -23.64 7.65 -7.17
C ILE A 125 -24.89 8.48 -6.80
N ARG A 126 -25.28 9.39 -7.69
CA ARG A 126 -26.52 10.17 -7.45
C ARG A 126 -27.70 9.23 -7.23
N ARG A 127 -27.84 8.23 -8.10
CA ARG A 127 -28.94 7.26 -8.04
C ARG A 127 -28.91 6.44 -6.76
N LEU A 128 -27.72 6.05 -6.32
CA LEU A 128 -27.56 5.31 -5.07
C LEU A 128 -28.00 6.17 -3.88
N ILE A 129 -27.54 7.42 -3.88
CA ILE A 129 -27.93 8.33 -2.80
C ILE A 129 -29.45 8.58 -2.78
N GLU A 130 -30.06 8.69 -3.97
CA GLU A 130 -31.52 8.86 -4.09
C GLU A 130 -32.24 7.69 -3.42
N VAL A 131 -31.77 6.48 -3.72
CA VAL A 131 -32.36 5.29 -3.12
C VAL A 131 -32.28 5.29 -1.59
N ASP A 132 -31.11 5.66 -1.06
CA ASP A 132 -30.92 5.74 0.40
C ASP A 132 -31.06 7.16 0.97
N LYS A 133 -31.78 8.05 0.29
CA LYS A 133 -31.87 9.45 0.71
C LYS A 133 -32.35 9.67 2.15
N ASP A 134 -33.18 8.74 2.65
CA ASP A 134 -33.69 8.86 4.02
C ASP A 134 -32.64 8.53 5.07
N TRP A 135 -31.48 8.05 4.63
CA TRP A 135 -30.37 7.86 5.55
C TRP A 135 -29.60 9.16 5.77
N VAL A 136 -29.80 10.14 4.90
CA VAL A 136 -29.06 11.40 4.97
C VAL A 136 -29.59 12.22 6.13
N PRO A 137 -28.77 12.40 7.19
CA PRO A 137 -29.24 13.15 8.35
C PRO A 137 -29.40 14.63 8.04
N ASP A 138 -30.13 15.36 8.88
CA ASP A 138 -30.33 16.80 8.66
C ASP A 138 -30.04 17.68 9.87
N ALA A 139 -29.56 17.09 10.96
CA ALA A 139 -29.15 17.87 12.13
C ALA A 139 -27.88 18.67 11.79
N ALA A 140 -27.66 19.74 12.55
CA ALA A 140 -26.54 20.65 12.33
C ALA A 140 -25.20 19.91 12.30
N GLY A 141 -24.44 20.15 11.25
CA GLY A 141 -23.09 19.56 11.10
C GLY A 141 -23.09 18.11 10.66
N THR A 142 -24.25 17.58 10.30
CA THR A 142 -24.31 16.18 9.89
C THR A 142 -24.27 16.10 8.39
N SER A 143 -23.98 14.91 7.90
CA SER A 143 -23.89 14.66 6.49
C SER A 143 -23.90 13.16 6.22
N LEU A 144 -23.87 12.83 4.94
CA LEU A 144 -23.76 11.46 4.49
C LEU A 144 -22.39 11.33 3.83
N TYR A 145 -21.59 10.39 4.32
CA TYR A 145 -20.24 10.19 3.79
C TYR A 145 -20.28 9.11 2.72
N VAL A 146 -19.71 9.43 1.55
CA VAL A 146 -19.73 8.59 0.37
C VAL A 146 -18.32 8.04 0.14
N ARG A 147 -18.22 6.71 0.08
CA ARG A 147 -16.95 5.99 -0.06
C ARG A 147 -16.90 5.10 -1.30
N PRO A 148 -16.48 5.65 -2.43
CA PRO A 148 -16.20 4.84 -3.60
C PRO A 148 -14.85 4.15 -3.43
N VAL A 149 -14.73 2.97 -4.03
CA VAL A 149 -13.54 2.12 -3.97
C VAL A 149 -13.38 1.44 -5.32
N LEU A 150 -12.14 1.33 -5.77
CA LEU A 150 -11.83 0.60 -7.01
C LEU A 150 -10.67 -0.29 -6.65
N ILE A 151 -10.86 -1.59 -6.88
CA ILE A 151 -9.82 -2.56 -6.59
C ILE A 151 -9.55 -3.48 -7.76
N GLY A 152 -8.31 -3.96 -7.84
CA GLY A 152 -7.93 -4.99 -8.79
C GLY A 152 -8.42 -6.29 -8.21
N ASN A 153 -8.70 -7.25 -9.08
CA ASN A 153 -9.29 -8.49 -8.62
C ASN A 153 -8.89 -9.70 -9.48
N GLU A 154 -7.63 -9.73 -9.86
CA GLU A 154 -7.03 -10.77 -10.67
C GLU A 154 -6.70 -11.96 -9.76
N PRO A 155 -7.16 -13.17 -10.12
CA PRO A 155 -6.87 -14.32 -9.28
C PRO A 155 -5.50 -14.89 -9.63
N SER A 156 -4.46 -14.08 -9.47
CA SER A 156 -3.10 -14.44 -9.87
C SER A 156 -2.06 -13.75 -9.01
N LEU A 157 -0.96 -14.46 -8.71
CA LEU A 157 0.10 -13.94 -7.85
C LEU A 157 1.16 -13.15 -8.61
N GLY A 158 1.01 -13.04 -9.92
CA GLY A 158 1.91 -12.22 -10.73
C GLY A 158 1.67 -10.77 -10.37
N VAL A 159 2.75 -10.00 -10.19
CA VAL A 159 2.60 -8.57 -9.97
C VAL A 159 2.41 -7.98 -11.35
N SER A 160 1.17 -7.61 -11.70
CA SER A 160 0.91 -7.11 -13.04
C SER A 160 -0.40 -6.35 -13.17
N GLN A 161 -0.61 -5.76 -14.34
CA GLN A 161 -1.85 -5.06 -14.64
C GLN A 161 -3.01 -6.04 -14.59
N PRO A 162 -4.03 -5.75 -13.76
CA PRO A 162 -5.09 -6.73 -13.62
C PRO A 162 -6.00 -6.79 -14.85
N THR A 163 -6.58 -7.96 -15.07
CA THR A 163 -7.55 -8.17 -16.14
C THR A 163 -8.97 -8.22 -15.57
N ARG A 164 -9.09 -8.05 -14.25
CA ARG A 164 -10.38 -7.97 -13.56
C ARG A 164 -10.29 -6.92 -12.46
N ALA A 165 -11.39 -6.20 -12.26
CA ALA A 165 -11.46 -5.18 -11.22
C ALA A 165 -12.87 -5.10 -10.67
N LEU A 166 -13.00 -4.36 -9.58
CA LEU A 166 -14.28 -4.19 -8.94
C LEU A 166 -14.40 -2.75 -8.42
N LEU A 167 -15.49 -2.10 -8.79
CA LEU A 167 -15.77 -0.74 -8.32
C LEU A 167 -17.03 -0.78 -7.48
N PHE A 168 -16.94 -0.28 -6.26
CA PHE A 168 -18.12 -0.20 -5.42
C PHE A 168 -18.16 1.10 -4.61
N VAL A 169 -19.36 1.44 -4.15
CA VAL A 169 -19.60 2.64 -3.36
C VAL A 169 -20.53 2.27 -2.22
N ILE A 170 -20.09 2.61 -1.00
CA ILE A 170 -20.88 2.43 0.21
C ILE A 170 -21.04 3.81 0.87
N LEU A 171 -22.04 3.90 1.74
CA LEU A 171 -22.45 5.16 2.34
C LEU A 171 -22.61 5.05 3.85
N CYS A 172 -22.25 6.13 4.55
CA CYS A 172 -22.34 6.22 6.01
C CYS A 172 -22.96 7.53 6.43
N PRO A 173 -24.04 7.48 7.24
CA PRO A 173 -24.47 8.74 7.84
C PRO A 173 -23.42 9.13 8.88
N VAL A 174 -23.06 10.39 8.98
CA VAL A 174 -22.11 10.79 10.01
C VAL A 174 -22.63 11.96 10.83
N GLY A 175 -22.29 11.96 12.12
CA GLY A 175 -22.68 13.04 13.00
C GLY A 175 -21.78 14.23 12.77
N ALA A 176 -21.99 15.29 13.55
CA ALA A 176 -21.16 16.49 13.48
C ALA A 176 -19.73 16.16 13.94
N TYR A 177 -18.74 16.71 13.24
CA TYR A 177 -17.32 16.52 13.63
C TYR A 177 -17.06 17.22 14.96
N PHE A 178 -17.71 18.37 15.15
CA PHE A 178 -17.63 19.15 16.39
C PHE A 178 -19.00 19.03 17.09
N PRO A 179 -19.16 18.04 17.99
CA PRO A 179 -20.45 17.74 18.65
C PRO A 179 -20.94 18.77 19.68
N GLY A 180 -20.15 19.82 19.93
CA GLY A 180 -20.60 20.94 20.76
C GLY A 180 -21.00 22.14 19.90
N GLY A 181 -21.03 21.93 18.58
CA GLY A 181 -21.35 22.99 17.61
C GLY A 181 -20.29 24.09 17.55
N SER A 182 -19.10 23.79 18.05
CA SER A 182 -18.03 24.76 18.21
C SER A 182 -16.67 24.10 17.94
N VAL A 183 -15.84 24.74 17.11
CA VAL A 183 -14.53 24.18 16.76
C VAL A 183 -13.66 23.94 17.98
N THR A 184 -13.14 22.72 18.09
CA THR A 184 -12.28 22.31 19.19
C THR A 184 -10.91 21.93 18.61
N PRO A 185 -9.84 22.54 19.13
CA PRO A 185 -8.51 22.34 18.54
C PRO A 185 -7.86 21.01 18.90
N VAL A 186 -6.86 20.62 18.11
CA VAL A 186 -6.14 19.36 18.36
C VAL A 186 -4.66 19.58 18.56
N SER A 187 -4.02 18.58 19.17
CA SER A 187 -2.59 18.56 19.40
C SER A 187 -1.97 17.61 18.38
N LEU A 188 -0.74 17.91 17.97
CA LEU A 188 -0.04 17.12 16.95
C LEU A 188 1.34 16.69 17.40
N LEU A 189 1.71 15.45 17.10
CA LEU A 189 3.09 14.99 17.32
C LEU A 189 3.90 15.22 16.04
N ALA A 190 5.00 15.97 16.16
CA ALA A 190 5.88 16.29 15.04
C ALA A 190 7.25 15.68 15.31
N ASP A 191 7.47 14.52 14.69
CA ASP A 191 8.74 13.83 14.79
C ASP A 191 9.28 13.50 13.40
N PRO A 192 10.48 14.02 13.05
CA PRO A 192 10.99 13.75 11.69
C PRO A 192 11.29 12.28 11.38
N ALA A 193 11.16 11.40 12.36
CA ALA A 193 11.37 9.99 12.14
C ALA A 193 10.30 9.40 11.24
N PHE A 194 9.13 10.02 11.23
CA PHE A 194 7.99 9.50 10.50
C PHE A 194 7.91 10.12 9.12
N ILE A 195 7.65 9.31 8.10
CA ILE A 195 7.52 9.81 6.72
C ILE A 195 6.27 9.21 6.08
N ARG A 196 5.38 10.08 5.63
CA ARG A 196 4.09 9.67 5.03
C ARG A 196 4.25 9.37 3.55
N ALA A 197 5.13 10.13 2.90
CA ALA A 197 5.27 10.11 1.44
C ALA A 197 6.61 10.75 1.00
N TRP A 198 7.02 10.48 -0.23
CA TRP A 198 8.28 11.04 -0.73
C TRP A 198 8.15 11.46 -2.19
N VAL A 199 8.99 12.42 -2.59
CA VAL A 199 9.00 12.85 -3.98
C VAL A 199 9.39 11.62 -4.80
N GLY A 200 8.59 11.29 -5.80
CA GLY A 200 8.80 10.09 -6.61
C GLY A 200 7.91 8.94 -6.14
N GLY A 201 7.17 9.16 -5.06
CA GLY A 201 6.29 8.16 -4.51
C GLY A 201 4.85 8.32 -5.01
N VAL A 202 3.89 7.90 -4.19
CA VAL A 202 2.45 7.94 -4.56
C VAL A 202 1.58 8.58 -3.49
N GLY A 203 2.20 9.39 -2.63
CA GLY A 203 1.50 10.09 -1.58
C GLY A 203 0.48 11.09 -2.10
N ASN A 204 0.61 11.48 -3.36
CA ASN A 204 -0.32 12.44 -3.97
C ASN A 204 -1.52 11.77 -4.63
N TYR A 205 -1.68 10.47 -4.40
CA TYR A 205 -2.84 9.71 -4.88
C TYR A 205 -3.51 9.08 -3.66
N LYS A 206 -4.82 8.86 -3.73
CA LYS A 206 -5.56 8.37 -2.57
C LYS A 206 -5.63 6.84 -2.65
N LEU A 207 -4.49 6.23 -2.36
CA LEU A 207 -4.31 4.78 -2.49
C LEU A 207 -4.24 4.14 -1.11
N GLY A 208 -4.89 3.00 -0.94
CA GLY A 208 -4.91 2.31 0.35
C GLY A 208 -3.52 2.22 0.99
N GLY A 209 -2.52 1.96 0.14
CA GLY A 209 -1.14 1.80 0.57
C GLY A 209 -0.50 2.93 1.35
N ASN A 210 -0.98 4.15 1.15
CA ASN A 210 -0.51 5.28 1.90
C ASN A 210 -0.98 5.31 3.35
N TYR A 211 -2.02 4.55 3.69
CA TYR A 211 -2.66 4.68 5.01
C TYR A 211 -2.28 3.60 6.03
N GLY A 212 -2.20 2.37 5.57
CA GLY A 212 -1.78 1.24 6.40
C GLY A 212 -0.57 1.52 7.31
N PRO A 213 0.53 2.03 6.75
CA PRO A 213 1.69 2.29 7.59
C PRO A 213 1.55 3.44 8.59
N THR A 214 0.45 4.21 8.53
CA THR A 214 0.30 5.33 9.47
C THR A 214 -0.33 4.90 10.79
N VAL A 215 -0.88 3.68 10.84
CA VAL A 215 -1.58 3.20 12.03
C VAL A 215 -0.66 3.18 13.24
N LEU A 216 0.54 2.64 13.08
CA LEU A 216 1.52 2.58 14.17
C LEU A 216 1.95 3.96 14.61
N VAL A 217 2.11 4.87 13.65
CA VAL A 217 2.58 6.21 13.94
C VAL A 217 1.52 6.97 14.76
N GLN A 218 0.25 6.81 14.39
CA GLN A 218 -0.86 7.41 15.12
C GLN A 218 -0.89 6.86 16.56
N GLN A 219 -0.61 5.57 16.73
CA GLN A 219 -0.53 4.99 18.07
C GLN A 219 0.55 5.65 18.90
N GLU A 220 1.68 5.96 18.26
CA GLU A 220 2.77 6.67 18.91
C GLU A 220 2.41 8.11 19.31
N ALA A 221 1.63 8.78 18.48
CA ALA A 221 1.14 10.13 18.81
C ALA A 221 0.25 10.06 20.08
N LEU A 222 -0.65 9.07 20.14
CA LEU A 222 -1.45 8.86 21.35
C LEU A 222 -0.55 8.55 22.56
N LYS A 223 0.40 7.65 22.43
CA LYS A 223 1.33 7.33 23.53
C LYS A 223 2.01 8.58 24.09
N ARG A 224 2.38 9.50 23.19
N ARG A 224 2.38 9.50 23.20
CA ARG A 224 3.06 10.73 23.61
CA ARG A 224 3.06 10.74 23.63
C ARG A 224 2.08 11.86 23.96
C ARG A 224 2.08 11.86 23.97
N GLY A 225 0.78 11.54 24.04
CA GLY A 225 -0.23 12.51 24.46
C GLY A 225 -0.72 13.50 23.43
N CYS A 226 -0.55 13.19 22.15
CA CYS A 226 -1.03 14.04 21.07
C CYS A 226 -2.21 13.37 20.40
N GLU A 227 -3.03 14.14 19.70
CA GLU A 227 -4.20 13.58 19.02
C GLU A 227 -3.98 13.14 17.57
N GLN A 228 -3.05 13.80 16.87
CA GLN A 228 -2.83 13.52 15.45
C GLN A 228 -1.36 13.65 15.14
N VAL A 229 -0.99 13.26 13.92
CA VAL A 229 0.39 13.31 13.47
C VAL A 229 0.59 14.48 12.51
N LEU A 230 1.60 15.30 12.76
CA LEU A 230 2.05 16.33 11.82
C LEU A 230 3.21 15.69 11.04
N TRP A 231 2.93 15.37 9.78
CA TRP A 231 3.88 14.70 8.91
C TRP A 231 4.96 15.63 8.37
N LEU A 232 6.20 15.37 8.78
CA LEU A 232 7.35 16.17 8.36
C LEU A 232 8.11 15.50 7.21
N TYR A 233 8.73 16.31 6.36
CA TYR A 233 9.48 15.81 5.19
C TYR A 233 10.74 16.65 4.93
N GLY A 234 11.81 15.98 4.58
CA GLY A 234 13.03 16.64 4.13
C GLY A 234 13.95 17.08 5.26
N PRO A 235 15.14 17.56 4.88
CA PRO A 235 16.16 18.01 5.85
C PRO A 235 15.73 19.28 6.56
N ASP A 236 14.91 20.07 5.90
CA ASP A 236 14.38 21.29 6.47
C ASP A 236 13.06 21.07 7.25
N HIS A 237 12.70 19.82 7.52
CA HIS A 237 11.50 19.53 8.32
C HIS A 237 10.25 20.28 7.81
N GLN A 238 9.86 19.96 6.59
CA GLN A 238 8.70 20.60 5.99
C GLN A 238 7.44 20.05 6.63
N LEU A 239 6.53 20.93 6.97
CA LEU A 239 5.20 20.52 7.45
C LEU A 239 4.35 20.21 6.24
N THR A 240 4.01 18.93 6.04
CA THR A 240 3.25 18.53 4.86
C THR A 240 1.75 18.39 5.04
N GLU A 241 1.34 17.56 5.97
CA GLU A 241 -0.06 17.22 6.22
C GLU A 241 -0.26 16.98 7.71
N VAL A 242 -1.51 16.99 8.15
CA VAL A 242 -1.89 16.75 9.53
C VAL A 242 -2.86 15.60 9.51
N GLY A 243 -2.40 14.43 9.95
CA GLY A 243 -3.23 13.24 9.91
C GLY A 243 -3.57 12.94 8.48
N THR A 244 -4.86 12.93 8.15
CA THR A 244 -5.30 12.79 6.76
C THR A 244 -5.90 14.12 6.24
N MET A 245 -5.39 15.24 6.73
CA MET A 245 -5.85 16.57 6.35
C MET A 245 -4.69 17.37 5.78
N ASN A 246 -5.01 18.31 4.90
CA ASN A 246 -4.00 19.26 4.41
C ASN A 246 -3.78 20.32 5.49
N ILE A 247 -2.61 20.95 5.48
CA ILE A 247 -2.28 21.94 6.52
C ILE A 247 -2.22 23.36 5.95
N PHE A 248 -2.77 24.29 6.73
CA PHE A 248 -2.77 25.71 6.41
C PHE A 248 -2.19 26.49 7.58
N VAL A 249 -1.44 27.54 7.26
CA VAL A 249 -0.95 28.45 8.27
C VAL A 249 -1.34 29.86 7.85
N TYR A 250 -1.95 30.59 8.77
CA TYR A 250 -2.33 31.97 8.56
C TYR A 250 -1.43 32.80 9.48
N TRP A 251 -0.57 33.60 8.86
CA TRP A 251 0.45 34.38 9.56
C TRP A 251 0.91 35.63 8.83
N THR A 252 1.73 36.42 9.52
CA THR A 252 2.44 37.52 8.90
C THR A 252 3.78 36.91 8.56
N HIS A 253 4.09 36.85 7.28
CA HIS A 253 5.28 36.17 6.82
C HIS A 253 6.48 37.08 7.07
N GLU A 254 7.69 36.53 6.94
CA GLU A 254 8.94 37.23 7.21
C GLU A 254 9.16 38.54 6.43
N ASP A 255 8.38 38.77 5.37
CA ASP A 255 8.44 40.03 4.60
C ASP A 255 7.38 41.05 5.06
N GLY A 256 6.74 40.78 6.20
CA GLY A 256 5.72 41.67 6.75
C GLY A 256 4.36 41.58 6.07
N VAL A 257 4.17 40.61 5.20
CA VAL A 257 2.90 40.49 4.50
C VAL A 257 2.03 39.43 5.15
N LEU A 258 0.79 39.80 5.45
CA LEU A 258 -0.21 38.85 6.01
C LEU A 258 -0.57 37.89 4.88
N GLU A 259 -0.44 36.59 5.13
CA GLU A 259 -0.72 35.60 4.08
C GLU A 259 -1.28 34.31 4.66
N LEU A 260 -1.98 33.59 3.77
CA LEU A 260 -2.41 32.22 4.00
C LEU A 260 -1.52 31.35 3.12
N VAL A 261 -0.87 30.36 3.72
CA VAL A 261 0.03 29.47 3.02
C VAL A 261 -0.35 28.01 3.26
N THR A 262 -0.23 27.21 2.20
CA THR A 262 -0.38 25.76 2.30
C THR A 262 0.70 25.15 1.41
N PRO A 263 1.21 23.96 1.77
CA PRO A 263 2.27 23.41 0.92
C PRO A 263 1.84 23.12 -0.53
N PRO A 264 2.78 23.28 -1.48
CA PRO A 264 2.48 23.05 -2.89
C PRO A 264 2.29 21.59 -3.28
N LEU A 265 1.66 21.36 -4.42
CA LEU A 265 1.44 20.04 -4.94
C LEU A 265 2.68 19.59 -5.73
N ASN A 266 3.72 19.24 -4.99
CA ASN A 266 4.96 18.82 -5.60
C ASN A 266 5.20 17.33 -5.44
N GLY A 267 4.15 16.58 -5.10
CA GLY A 267 4.26 15.13 -5.02
C GLY A 267 4.02 14.49 -3.66
N VAL A 268 4.26 15.22 -2.57
CA VAL A 268 4.10 14.65 -1.21
C VAL A 268 2.78 15.07 -0.55
N ILE A 269 1.99 15.86 -1.28
CA ILE A 269 0.73 16.38 -0.77
C ILE A 269 -0.43 15.74 -1.55
N LEU A 270 -1.43 15.24 -0.83
CA LEU A 270 -2.67 14.80 -1.45
C LEU A 270 -3.47 16.07 -1.80
N PRO A 271 -3.83 16.26 -3.09
CA PRO A 271 -4.61 17.46 -3.46
C PRO A 271 -6.05 17.42 -2.96
N GLY A 272 -6.25 17.87 -1.73
CA GLY A 272 -7.58 17.89 -1.14
C GLY A 272 -8.59 18.78 -1.86
N VAL A 273 -9.84 18.33 -1.89
CA VAL A 273 -10.95 19.13 -2.43
C VAL A 273 -11.23 20.32 -1.51
N VAL A 274 -11.18 20.10 -0.20
CA VAL A 274 -11.38 21.21 0.74
C VAL A 274 -10.23 22.22 0.61
N ARG A 275 -9.00 21.71 0.59
CA ARG A 275 -7.80 22.51 0.34
C ARG A 275 -7.97 23.45 -0.86
N GLN A 276 -8.38 22.89 -1.99
CA GLN A 276 -8.54 23.71 -3.19
C GLN A 276 -9.64 24.76 -2.99
N SER A 277 -10.70 24.37 -2.27
CA SER A 277 -11.83 25.24 -1.99
C SER A 277 -11.43 26.41 -1.08
N LEU A 278 -10.57 26.15 -0.11
CA LEU A 278 -10.08 27.17 0.81
C LEU A 278 -9.24 28.19 0.03
N LEU A 279 -8.32 27.69 -0.80
CA LEU A 279 -7.51 28.54 -1.68
C LEU A 279 -8.40 29.37 -2.58
N ASP A 280 -9.38 28.73 -3.21
CA ASP A 280 -10.32 29.42 -4.10
C ASP A 280 -11.07 30.56 -3.41
N MET A 281 -11.63 30.27 -2.23
CA MET A 281 -12.37 31.26 -1.45
C MET A 281 -11.50 32.44 -1.03
N ALA A 282 -10.34 32.13 -0.45
CA ALA A 282 -9.41 33.16 0.00
C ALA A 282 -8.86 34.01 -1.16
N GLN A 283 -8.62 33.40 -2.31
N GLN A 283 -8.60 33.37 -2.30
CA GLN A 283 -8.16 34.17 -3.46
CA GLN A 283 -8.17 34.08 -3.51
C GLN A 283 -9.30 35.06 -3.98
C GLN A 283 -9.28 35.03 -3.96
N THR A 284 -10.52 34.54 -3.95
CA THR A 284 -11.66 35.34 -4.37
C THR A 284 -11.90 36.59 -3.49
N TRP A 285 -11.74 36.49 -2.17
CA TRP A 285 -11.89 37.67 -1.30
C TRP A 285 -10.87 38.76 -1.61
N GLY A 286 -9.65 38.37 -1.96
CA GLY A 286 -8.58 39.31 -2.27
C GLY A 286 -8.19 40.24 -1.13
N GLU A 287 -8.29 39.77 0.11
CA GLU A 287 -8.00 40.60 1.29
C GLU A 287 -6.60 40.41 1.86
N PHE A 288 -5.94 39.31 1.46
CA PHE A 288 -4.57 39.01 1.87
C PHE A 288 -3.90 38.10 0.85
N ARG A 289 -2.60 37.90 0.98
CA ARG A 289 -1.87 37.07 0.04
C ARG A 289 -2.18 35.59 0.32
N VAL A 290 -2.32 34.82 -0.76
CA VAL A 290 -2.64 33.40 -0.66
C VAL A 290 -1.64 32.64 -1.51
N VAL A 291 -0.80 31.84 -0.85
CA VAL A 291 0.27 31.16 -1.58
C VAL A 291 0.32 29.65 -1.32
N GLU A 292 0.90 28.96 -2.29
CA GLU A 292 1.32 27.58 -2.13
C GLU A 292 2.85 27.62 -2.04
N ARG A 293 3.35 27.26 -0.88
CA ARG A 293 4.78 27.27 -0.59
C ARG A 293 5.07 26.32 0.54
N THR A 294 6.24 25.72 0.53
CA THR A 294 6.64 24.81 1.62
C THR A 294 6.73 25.61 2.93
N ILE A 295 6.53 24.91 4.04
CA ILE A 295 6.53 25.49 5.39
C ILE A 295 7.49 24.63 6.23
N THR A 296 8.51 25.27 6.80
CA THR A 296 9.51 24.56 7.59
C THR A 296 9.28 24.77 9.10
N MET A 297 9.76 23.83 9.91
CA MET A 297 9.67 24.00 11.37
C MET A 297 10.47 25.22 11.84
N LYS A 298 11.53 25.55 11.11
CA LYS A 298 12.34 26.73 11.42
C LYS A 298 11.52 28.00 11.24
N GLN A 299 10.82 28.12 10.12
CA GLN A 299 9.94 29.27 9.92
C GLN A 299 8.85 29.31 10.98
N LEU A 300 8.28 28.16 11.33
CA LEU A 300 7.19 28.14 12.30
C LEU A 300 7.67 28.62 13.67
N LEU A 301 8.76 28.04 14.16
CA LEU A 301 9.34 28.41 15.47
C LEU A 301 9.63 29.90 15.54
N ARG A 302 10.28 30.41 14.50
CA ARG A 302 10.59 31.84 14.42
C ARG A 302 9.33 32.69 14.47
N ALA A 303 8.33 32.29 13.67
CA ALA A 303 7.09 33.05 13.60
C ALA A 303 6.33 33.03 14.94
N LEU A 304 6.37 31.90 15.63
CA LEU A 304 5.71 31.81 16.94
C LEU A 304 6.39 32.75 17.93
N GLU A 305 7.72 32.70 17.98
CA GLU A 305 8.53 33.58 18.86
C GLU A 305 8.27 35.05 18.60
N GLU A 306 8.09 35.43 17.33
CA GLU A 306 7.84 36.81 16.97
C GLU A 306 6.36 37.20 17.00
N GLY A 307 5.49 36.28 17.42
CA GLY A 307 4.04 36.55 17.52
C GLY A 307 3.36 36.82 16.19
N ARG A 308 3.89 36.22 15.12
CA ARG A 308 3.38 36.41 13.79
C ARG A 308 2.36 35.36 13.37
N VAL A 309 2.26 34.25 14.11
CA VAL A 309 1.30 33.20 13.76
C VAL A 309 -0.08 33.55 14.32
N ARG A 310 -1.08 33.51 13.46
CA ARG A 310 -2.46 33.72 13.88
C ARG A 310 -3.16 32.39 14.09
N GLU A 311 -3.21 31.57 13.04
CA GLU A 311 -4.01 30.33 13.07
C GLU A 311 -3.33 29.25 12.26
N VAL A 312 -3.41 28.01 12.76
CA VAL A 312 -2.92 26.83 12.07
C VAL A 312 -4.08 25.87 12.08
N PHE A 313 -4.36 25.27 10.93
CA PHE A 313 -5.46 24.34 10.82
C PHE A 313 -5.29 23.29 9.74
N GLY A 314 -6.00 22.19 9.91
CA GLY A 314 -6.11 21.17 8.88
C GLY A 314 -7.37 21.37 8.06
N SER A 315 -7.37 20.86 6.85
CA SER A 315 -8.56 20.87 6.00
C SER A 315 -8.79 19.47 5.48
N GLY A 316 -10.05 19.07 5.41
CA GLY A 316 -10.38 17.75 4.90
C GLY A 316 -11.88 17.52 4.97
N THR A 317 -12.36 16.53 4.22
CA THR A 317 -13.79 16.21 4.19
C THR A 317 -14.36 15.91 5.59
N ALA A 318 -13.58 15.24 6.43
CA ALA A 318 -14.01 14.88 7.80
C ALA A 318 -14.54 16.02 8.66
N CYS A 319 -13.73 17.08 8.77
CA CYS A 319 -14.00 18.22 9.65
C CYS A 319 -14.27 19.54 8.92
N GLN A 320 -13.92 19.57 7.63
CA GLN A 320 -13.87 20.79 6.83
C GLN A 320 -12.63 21.58 7.25
N VAL A 321 -12.63 22.17 8.45
CA VAL A 321 -11.51 22.96 8.94
C VAL A 321 -11.29 22.63 10.41
N CYS A 322 -10.06 22.27 10.78
CA CYS A 322 -9.76 21.80 12.13
C CYS A 322 -8.62 22.57 12.78
N PRO A 323 -8.91 23.32 13.85
CA PRO A 323 -7.87 24.14 14.48
C PRO A 323 -6.81 23.34 15.19
N VAL A 324 -5.59 23.88 15.20
CA VAL A 324 -4.50 23.26 15.93
C VAL A 324 -4.04 24.20 17.05
N HIS A 325 -3.87 23.68 18.27
CA HIS A 325 -3.40 24.49 19.42
C HIS A 325 -2.06 24.08 20.01
N ARG A 326 -1.57 22.91 19.64
CA ARG A 326 -0.32 22.41 20.21
C ARG A 326 0.40 21.53 19.22
N ILE A 327 1.72 21.67 19.16
CA ILE A 327 2.57 20.80 18.36
C ILE A 327 3.72 20.35 19.24
N LEU A 328 3.85 19.04 19.43
CA LEU A 328 4.97 18.48 20.20
C LEU A 328 6.03 18.13 19.19
N TYR A 329 7.11 18.90 19.17
CA TYR A 329 8.21 18.71 18.22
C TYR A 329 9.41 18.09 18.95
N LYS A 330 9.49 16.77 18.90
CA LYS A 330 10.50 16.00 19.64
C LYS A 330 10.20 16.15 21.14
N ASP A 331 10.98 16.94 21.90
CA ASP A 331 10.68 17.19 23.33
C ASP A 331 10.07 18.58 23.58
N ARG A 332 10.04 19.41 22.55
CA ARG A 332 9.63 20.80 22.64
C ARG A 332 8.13 20.98 22.41
N ASN A 333 7.42 21.39 23.46
CA ASN A 333 5.97 21.56 23.41
C ASN A 333 5.60 22.98 22.96
N LEU A 334 5.07 23.14 21.76
CA LEU A 334 4.79 24.46 21.18
C LEU A 334 3.31 24.81 21.24
N HIS A 335 2.96 25.94 21.88
CA HIS A 335 1.58 26.40 21.86
C HIS A 335 1.34 27.15 20.56
N ILE A 336 0.25 26.82 19.89
CA ILE A 336 -0.12 27.51 18.67
C ILE A 336 -1.35 28.37 19.02
N PRO A 337 -1.25 29.70 18.84
CA PRO A 337 -2.28 30.60 19.38
C PRO A 337 -3.57 30.74 18.56
N THR A 338 -3.93 29.70 17.83
CA THR A 338 -5.09 29.69 16.96
C THR A 338 -6.39 30.15 17.62
N MET A 339 -6.71 29.56 18.76
CA MET A 339 -7.98 29.86 19.44
C MET A 339 -7.99 31.24 20.09
N GLU A 340 -6.80 31.78 20.36
CA GLU A 340 -6.67 33.14 20.90
C GLU A 340 -6.78 34.19 19.79
N ASN A 341 -6.87 33.76 18.54
CA ASN A 341 -7.02 34.66 17.38
C ASN A 341 -8.37 34.54 16.68
N GLY A 342 -9.39 34.16 17.45
CA GLY A 342 -10.77 34.01 16.97
C GLY A 342 -11.34 32.63 17.22
N PRO A 343 -10.96 31.64 16.38
CA PRO A 343 -10.07 31.74 15.22
C PRO A 343 -10.82 32.38 14.03
N GLU A 344 -10.46 33.61 13.72
CA GLU A 344 -11.23 34.42 12.79
C GLU A 344 -11.34 33.83 11.37
N LEU A 345 -10.23 33.36 10.82
CA LEU A 345 -10.26 32.82 9.44
C LEU A 345 -10.99 31.48 9.38
N ILE A 346 -10.68 30.62 10.34
CA ILE A 346 -11.33 29.32 10.44
C ILE A 346 -12.84 29.50 10.51
N LEU A 347 -13.31 30.41 11.37
CA LEU A 347 -14.76 30.62 11.52
C LEU A 347 -15.36 31.13 10.23
N ARG A 348 -14.66 32.06 9.60
CA ARG A 348 -15.09 32.59 8.32
C ARG A 348 -15.20 31.51 7.24
N PHE A 349 -14.21 30.62 7.14
CA PHE A 349 -14.27 29.51 6.17
C PHE A 349 -15.43 28.56 6.45
N GLN A 350 -15.62 28.20 7.72
CA GLN A 350 -16.67 27.27 8.12
C GLN A 350 -18.05 27.84 7.84
N LYS A 351 -18.22 29.13 8.12
CA LYS A 351 -19.49 29.79 7.85
C LYS A 351 -19.82 29.77 6.37
N GLU A 352 -18.84 30.14 5.53
CA GLU A 352 -19.08 30.21 4.10
C GLU A 352 -19.31 28.81 3.50
N LEU A 353 -18.55 27.82 3.97
CA LEU A 353 -18.74 26.43 3.50
C LEU A 353 -20.12 25.92 3.89
N LYS A 354 -20.53 26.21 5.11
CA LYS A 354 -21.85 25.84 5.60
C LYS A 354 -22.94 26.42 4.70
N GLU A 355 -22.85 27.71 4.41
CA GLU A 355 -23.83 28.38 3.58
C GLU A 355 -23.94 27.73 2.21
N ILE A 356 -22.79 27.43 1.63
CA ILE A 356 -22.74 26.80 0.32
C ILE A 356 -23.28 25.37 0.37
N GLN A 357 -22.84 24.59 1.37
CA GLN A 357 -23.11 23.16 1.41
C GLN A 357 -24.56 22.84 1.75
N TYR A 358 -25.14 23.55 2.72
CA TYR A 358 -26.52 23.31 3.12
C TYR A 358 -27.56 24.12 2.32
N GLY A 359 -27.16 24.68 1.18
CA GLY A 359 -28.09 25.32 0.27
C GLY A 359 -28.67 26.66 0.70
N ILE A 360 -28.07 27.27 1.73
CA ILE A 360 -28.46 28.60 2.21
C ILE A 360 -28.14 29.62 1.12
N ARG A 361 -27.11 29.33 0.35
CA ARG A 361 -26.72 30.15 -0.79
C ARG A 361 -26.44 29.23 -1.97
N ALA A 362 -27.30 29.31 -2.99
CA ALA A 362 -27.15 28.53 -4.23
C ALA A 362 -25.75 28.74 -4.81
N HIS A 363 -25.18 27.70 -5.38
CA HIS A 363 -23.79 27.75 -5.81
C HIS A 363 -23.41 26.67 -6.82
N GLU A 364 -22.53 27.03 -7.73
CA GLU A 364 -22.00 26.13 -8.76
C GLU A 364 -21.22 24.96 -8.14
N TRP A 365 -20.81 25.07 -6.88
CA TRP A 365 -20.04 24.02 -6.22
C TRP A 365 -20.89 22.83 -5.79
N MET A 366 -22.21 22.99 -5.72
CA MET A 366 -23.09 21.95 -5.24
C MET A 366 -23.79 21.22 -6.38
N PHE A 367 -23.86 19.90 -6.27
CA PHE A 367 -24.47 19.00 -7.26
C PHE A 367 -25.72 18.43 -6.62
N PRO A 368 -26.90 18.82 -7.14
CA PRO A 368 -28.11 18.32 -6.50
C PRO A 368 -28.36 16.84 -6.76
N VAL A 369 -28.84 16.14 -5.76
CA VAL A 369 -29.21 14.74 -5.91
C VAL A 369 -30.69 14.63 -6.27
N SER B 7 -1.01 -16.22 23.50
CA SER B 7 -2.07 -15.63 22.63
C SER B 7 -2.27 -16.42 21.34
N SER B 8 -1.17 -16.91 20.77
CA SER B 8 -1.19 -17.54 19.45
C SER B 8 -2.10 -18.74 19.31
N PHE B 9 -2.50 -18.98 18.06
CA PHE B 9 -3.19 -20.20 17.69
C PHE B 9 -2.17 -21.35 17.76
N LYS B 10 -2.68 -22.57 17.88
CA LYS B 10 -1.85 -23.77 18.06
C LYS B 10 -2.07 -24.77 16.97
N ALA B 11 -0.98 -25.32 16.44
CA ALA B 11 -1.11 -26.38 15.45
C ALA B 11 -1.78 -27.62 16.08
N ALA B 12 -1.66 -27.74 17.40
CA ALA B 12 -2.33 -28.82 18.16
C ALA B 12 -3.86 -28.76 18.05
N ASP B 13 -4.42 -27.55 17.91
CA ASP B 13 -5.87 -27.38 17.79
C ASP B 13 -6.35 -27.32 16.35
N LEU B 14 -5.54 -27.85 15.43
CA LEU B 14 -5.82 -27.74 14.00
C LEU B 14 -7.03 -28.58 13.59
N GLN B 15 -7.91 -27.99 12.77
CA GLN B 15 -9.12 -28.63 12.25
C GLN B 15 -8.95 -28.90 10.76
N LEU B 16 -9.30 -30.11 10.31
CA LEU B 16 -9.18 -30.45 8.90
C LEU B 16 -10.53 -30.69 8.26
N GLU B 17 -10.64 -30.36 6.99
CA GLU B 17 -11.83 -30.61 6.18
C GLU B 17 -11.37 -30.85 4.75
N MET B 18 -11.40 -32.11 4.32
CA MET B 18 -10.91 -32.48 2.99
C MET B 18 -11.83 -32.03 1.87
N THR B 19 -11.28 -31.90 0.67
CA THR B 19 -12.06 -31.43 -0.47
C THR B 19 -13.00 -32.52 -0.93
N GLN B 20 -14.21 -32.12 -1.32
CA GLN B 20 -15.21 -33.07 -1.81
C GLN B 20 -14.77 -33.57 -3.17
N LYS B 21 -14.44 -32.65 -4.06
CA LYS B 21 -13.97 -33.00 -5.40
C LYS B 21 -12.55 -32.45 -5.67
N PRO B 22 -11.52 -33.31 -5.49
CA PRO B 22 -10.15 -32.95 -5.80
C PRO B 22 -9.98 -32.44 -7.23
N HIS B 23 -9.14 -31.44 -7.41
CA HIS B 23 -8.90 -30.86 -8.72
C HIS B 23 -7.79 -31.64 -9.41
N LYS B 24 -7.82 -31.65 -10.73
CA LYS B 24 -6.86 -32.41 -11.51
C LYS B 24 -5.53 -31.64 -11.58
N LYS B 25 -4.42 -32.34 -11.39
CA LYS B 25 -3.10 -31.71 -11.44
C LYS B 25 -2.75 -31.27 -12.87
N PRO B 26 -1.79 -30.34 -13.02
CA PRO B 26 -1.37 -29.88 -14.36
C PRO B 26 -0.68 -30.97 -15.20
N GLY B 27 -0.74 -30.81 -16.52
CA GLY B 27 -0.13 -31.78 -17.45
C GLY B 27 1.37 -31.90 -17.29
N PRO B 31 2.37 -26.64 -19.19
CA PRO B 31 2.72 -25.23 -19.37
C PRO B 31 2.15 -24.35 -18.27
N LEU B 32 2.80 -24.35 -17.11
CA LEU B 32 2.33 -23.59 -15.92
C LEU B 32 2.84 -22.15 -15.87
N VAL B 33 1.93 -21.19 -16.03
CA VAL B 33 2.27 -19.79 -15.81
C VAL B 33 2.32 -19.62 -14.29
N PHE B 34 3.28 -18.83 -13.80
CA PHE B 34 3.42 -18.65 -12.36
C PHE B 34 2.20 -17.97 -11.75
N GLY B 35 1.80 -18.48 -10.59
CA GLY B 35 0.79 -17.85 -9.75
C GLY B 35 -0.67 -17.99 -10.13
N LYS B 36 -0.98 -18.81 -11.13
CA LYS B 36 -2.37 -18.96 -11.62
C LYS B 36 -3.04 -20.24 -11.12
N THR B 37 -2.25 -21.28 -10.89
CA THR B 37 -2.78 -22.59 -10.54
C THR B 37 -2.57 -22.87 -9.07
N PHE B 38 -3.66 -23.18 -8.37
CA PHE B 38 -3.61 -23.40 -6.93
C PHE B 38 -3.98 -24.83 -6.57
N THR B 39 -3.55 -25.25 -5.38
CA THR B 39 -3.80 -26.61 -4.90
C THR B 39 -5.22 -26.72 -4.30
N ASP B 40 -5.54 -27.89 -3.76
CA ASP B 40 -6.88 -28.22 -3.23
C ASP B 40 -7.26 -27.60 -1.92
N HIS B 41 -6.29 -27.37 -1.04
CA HIS B 41 -6.56 -26.85 0.27
C HIS B 41 -5.86 -25.52 0.55
N MET B 42 -6.26 -24.90 1.66
CA MET B 42 -5.67 -23.66 2.14
C MET B 42 -5.73 -23.69 3.65
N LEU B 43 -4.89 -22.90 4.30
CA LEU B 43 -4.95 -22.70 5.73
C LEU B 43 -5.74 -21.41 5.99
N MET B 44 -6.50 -21.39 7.08
CA MET B 44 -7.23 -20.18 7.48
C MET B 44 -7.25 -20.08 8.99
N VAL B 45 -6.98 -18.89 9.50
CA VAL B 45 -7.07 -18.62 10.92
C VAL B 45 -7.69 -17.24 11.06
N GLU B 46 -8.62 -17.09 12.01
CA GLU B 46 -9.30 -15.82 12.24
C GLU B 46 -8.89 -15.23 13.58
N TRP B 47 -8.84 -13.91 13.63
CA TRP B 47 -8.51 -13.23 14.86
C TRP B 47 -9.56 -12.17 15.15
N ASN B 48 -9.89 -12.01 16.42
CA ASN B 48 -10.81 -10.97 16.85
C ASN B 48 -10.53 -10.58 18.30
N ASP B 49 -11.49 -9.91 18.94
CA ASP B 49 -11.35 -9.49 20.34
C ASP B 49 -11.13 -10.69 21.27
N LYS B 50 -11.65 -11.84 20.88
CA LYS B 50 -11.46 -13.08 21.62
C LYS B 50 -10.15 -13.79 21.24
N GLY B 51 -9.30 -13.11 20.46
CA GLY B 51 -8.00 -13.65 20.06
C GLY B 51 -8.06 -14.54 18.84
N TRP B 52 -7.04 -15.39 18.71
CA TRP B 52 -6.98 -16.32 17.60
C TRP B 52 -7.95 -17.47 17.80
N GLY B 53 -8.72 -17.79 16.77
CA GLY B 53 -9.55 -18.97 16.77
C GLY B 53 -8.69 -20.18 16.44
N GLN B 54 -9.32 -21.30 16.18
CA GLN B 54 -8.58 -22.51 15.82
C GLN B 54 -8.12 -22.44 14.38
N PRO B 55 -6.84 -22.79 14.14
CA PRO B 55 -6.44 -22.84 12.74
C PRO B 55 -7.18 -23.97 12.07
N ARG B 56 -7.38 -23.85 10.77
CA ARG B 56 -8.04 -24.91 10.05
C ARG B 56 -7.50 -25.04 8.63
N ILE B 57 -7.40 -26.29 8.18
CA ILE B 57 -7.11 -26.59 6.78
C ILE B 57 -8.45 -26.91 6.17
N GLN B 58 -8.76 -26.24 5.07
CA GLN B 58 -10.06 -26.34 4.45
C GLN B 58 -9.87 -26.37 2.97
N PRO B 59 -10.92 -26.75 2.23
CA PRO B 59 -10.77 -26.70 0.78
C PRO B 59 -10.55 -25.28 0.28
N PHE B 60 -9.81 -25.16 -0.81
CA PHE B 60 -9.53 -23.88 -1.44
C PHE B 60 -10.88 -23.23 -1.75
N GLN B 61 -11.11 -22.06 -1.16
CA GLN B 61 -12.41 -21.39 -1.30
C GLN B 61 -12.25 -19.88 -1.26
N ASN B 62 -13.28 -19.15 -1.68
CA ASN B 62 -13.24 -17.67 -1.68
C ASN B 62 -13.25 -17.06 -0.30
N LEU B 63 -12.76 -15.83 -0.22
CA LEU B 63 -12.85 -15.08 1.01
C LEU B 63 -14.16 -14.30 0.96
N THR B 64 -14.78 -14.14 2.12
CA THR B 64 -15.98 -13.32 2.26
C THR B 64 -15.59 -12.16 3.14
N LEU B 65 -15.59 -10.95 2.57
CA LEU B 65 -15.18 -9.75 3.28
C LEU B 65 -16.26 -8.67 3.33
N HIS B 66 -16.33 -8.00 4.47
CA HIS B 66 -17.18 -6.85 4.66
C HIS B 66 -16.67 -5.74 3.72
N PRO B 67 -17.58 -4.99 3.07
CA PRO B 67 -17.22 -3.95 2.11
C PRO B 67 -16.33 -2.86 2.66
N ALA B 68 -16.32 -2.69 3.98
CA ALA B 68 -15.51 -1.71 4.65
C ALA B 68 -14.15 -2.28 5.11
N SER B 69 -13.86 -3.53 4.75
CA SER B 69 -12.65 -4.21 5.22
C SER B 69 -11.42 -3.34 5.12
N SER B 70 -10.72 -3.18 6.24
CA SER B 70 -9.52 -2.36 6.24
C SER B 70 -8.43 -2.90 5.29
N SER B 71 -8.51 -4.20 4.93
CA SER B 71 -7.58 -4.80 3.98
C SER B 71 -7.67 -4.16 2.59
N LEU B 72 -8.88 -3.67 2.25
CA LEU B 72 -9.21 -3.11 0.94
C LEU B 72 -9.20 -1.58 0.87
N HIS B 73 -9.37 -0.90 2.02
CA HIS B 73 -9.41 0.57 2.06
C HIS B 73 -8.06 1.18 2.44
N TYR B 74 -7.37 0.58 3.41
CA TYR B 74 -6.12 1.13 3.96
C TYR B 74 -4.95 0.17 3.90
N SER B 75 -5.06 -0.82 3.04
CA SER B 75 -3.92 -1.71 2.76
C SER B 75 -3.32 -2.33 4.02
N LEU B 76 -4.16 -2.80 4.92
N LEU B 76 -4.18 -2.80 4.91
CA LEU B 76 -3.67 -3.55 6.08
CA LEU B 76 -3.75 -3.59 6.05
C LEU B 76 -3.50 -4.99 5.60
C LEU B 76 -3.56 -4.99 5.48
N GLN B 77 -2.38 -5.22 4.90
CA GLN B 77 -2.09 -6.47 4.24
C GLN B 77 -0.58 -6.67 4.11
N LEU B 78 -0.17 -7.92 4.29
CA LEU B 78 1.22 -8.32 4.15
C LEU B 78 1.24 -9.76 3.66
N PHE B 79 2.36 -10.18 3.11
CA PHE B 79 2.46 -11.53 2.57
C PHE B 79 3.88 -12.04 2.67
N GLU B 80 4.02 -13.33 2.43
CA GLU B 80 5.30 -13.99 2.32
C GLU B 80 5.36 -14.82 1.07
N GLY B 81 6.56 -15.28 0.74
CA GLY B 81 6.75 -16.14 -0.41
C GLY B 81 7.93 -17.04 -0.10
N MET B 82 7.69 -18.35 -0.15
CA MET B 82 8.76 -19.32 0.05
C MET B 82 8.45 -20.55 -0.78
N LYS B 83 9.44 -21.42 -0.93
CA LYS B 83 9.25 -22.60 -1.77
C LYS B 83 9.55 -23.90 -1.02
N ALA B 84 8.79 -24.92 -1.39
CA ALA B 84 8.99 -26.29 -0.97
C ALA B 84 9.47 -27.05 -2.17
N PHE B 85 10.41 -27.97 -1.97
CA PHE B 85 11.04 -28.68 -3.06
C PHE B 85 10.95 -30.20 -2.81
N LYS B 86 10.66 -30.94 -3.85
CA LYS B 86 10.57 -32.40 -3.76
C LYS B 86 11.81 -33.04 -4.38
N GLY B 87 12.54 -33.81 -3.57
CA GLY B 87 13.73 -34.52 -4.06
C GLY B 87 13.43 -35.84 -4.74
N LYS B 88 14.46 -36.48 -5.31
CA LYS B 88 14.34 -37.80 -5.93
C LYS B 88 13.67 -38.81 -4.99
N ASP B 89 14.00 -38.75 -3.70
CA ASP B 89 13.35 -39.59 -2.71
C ASP B 89 11.86 -39.23 -2.51
N GLN B 90 11.37 -38.25 -3.27
CA GLN B 90 9.96 -37.84 -3.23
C GLN B 90 9.61 -37.15 -1.90
N GLN B 91 10.64 -36.79 -1.14
CA GLN B 91 10.48 -36.12 0.13
C GLN B 91 10.43 -34.61 -0.17
N VAL B 92 9.53 -33.92 0.53
CA VAL B 92 9.36 -32.48 0.38
C VAL B 92 10.02 -31.73 1.52
N ARG B 93 10.70 -30.63 1.15
CA ARG B 93 11.45 -29.82 2.08
C ARG B 93 11.21 -28.32 1.82
N LEU B 94 11.11 -27.54 2.88
CA LEU B 94 11.04 -26.08 2.79
C LEU B 94 12.43 -25.49 3.00
N PHE B 95 12.76 -24.44 2.24
CA PHE B 95 14.03 -23.75 2.37
C PHE B 95 13.95 -22.62 3.39
N ARG B 96 14.74 -22.75 4.47
CA ARG B 96 14.88 -21.75 5.52
C ARG B 96 13.56 -21.03 5.90
N PRO B 97 12.46 -21.81 6.09
CA PRO B 97 11.14 -21.19 6.33
C PRO B 97 11.07 -20.34 7.59
N TRP B 98 11.98 -20.60 8.53
CA TRP B 98 12.06 -19.85 9.77
C TRP B 98 12.31 -18.37 9.50
N LEU B 99 13.10 -18.08 8.48
CA LEU B 99 13.41 -16.69 8.13
C LEU B 99 12.16 -15.98 7.58
N ASN B 100 11.38 -16.70 6.77
CA ASN B 100 10.12 -16.14 6.28
C ASN B 100 9.15 -15.86 7.42
N MET B 101 9.14 -16.73 8.42
CA MET B 101 8.29 -16.50 9.59
C MET B 101 8.74 -15.28 10.36
N ASP B 102 10.05 -15.14 10.56
CA ASP B 102 10.59 -13.97 11.26
C ASP B 102 10.19 -12.70 10.49
N ARG B 103 10.30 -12.75 9.17
CA ARG B 103 9.99 -11.58 8.33
C ARG B 103 8.49 -11.21 8.39
N MET B 104 7.65 -12.21 8.27
CA MET B 104 6.20 -12.04 8.34
C MET B 104 5.79 -11.36 9.67
N LEU B 105 6.39 -11.80 10.77
CA LEU B 105 6.06 -11.24 12.07
C LEU B 105 6.48 -9.77 12.18
N ARG B 106 7.66 -9.43 11.66
CA ARG B 106 8.06 -8.03 11.62
C ARG B 106 7.00 -7.23 10.79
N SER B 107 6.62 -7.75 9.64
CA SER B 107 5.61 -7.10 8.80
C SER B 107 4.30 -6.89 9.57
N ALA B 108 3.87 -7.91 10.30
CA ALA B 108 2.66 -7.85 11.11
C ALA B 108 2.72 -6.73 12.14
N MET B 109 3.83 -6.65 12.87
N MET B 109 3.83 -6.67 12.88
CA MET B 109 4.00 -5.62 13.88
CA MET B 109 4.04 -5.62 13.89
C MET B 109 4.04 -4.21 13.28
C MET B 109 4.00 -4.22 13.26
N ARG B 110 4.58 -4.08 12.07
CA ARG B 110 4.63 -2.76 11.44
C ARG B 110 3.25 -2.21 11.09
N LEU B 111 2.33 -3.11 10.78
CA LEU B 111 0.94 -2.77 10.45
C LEU B 111 -0.03 -2.94 11.61
N CYS B 112 0.49 -3.14 12.81
CA CYS B 112 -0.34 -3.30 14.00
C CYS B 112 -1.34 -4.43 13.86
N LEU B 113 -0.94 -5.46 13.13
CA LEU B 113 -1.74 -6.66 12.98
C LEU B 113 -1.32 -7.66 14.07
N PRO B 114 -2.17 -8.66 14.35
CA PRO B 114 -1.91 -9.51 15.53
C PRO B 114 -0.70 -10.44 15.44
N SER B 115 0.09 -10.42 16.51
CA SER B 115 1.21 -11.34 16.66
C SER B 115 0.73 -12.79 16.67
N PHE B 116 1.61 -13.68 16.25
CA PHE B 116 1.37 -15.13 16.27
C PHE B 116 2.69 -15.82 16.58
N ASP B 117 2.60 -17.12 16.88
CA ASP B 117 3.80 -17.91 17.17
C ASP B 117 4.32 -18.51 15.88
N LYS B 118 5.56 -18.18 15.57
CA LYS B 118 6.18 -18.54 14.30
C LYS B 118 6.25 -20.05 14.09
N LEU B 119 6.64 -20.79 15.12
CA LEU B 119 6.73 -22.23 15.01
C LEU B 119 5.35 -22.86 14.86
N GLU B 120 4.31 -22.28 15.48
CA GLU B 120 2.95 -22.81 15.33
C GLU B 120 2.48 -22.62 13.90
N LEU B 121 2.70 -21.44 13.33
CA LEU B 121 2.34 -21.22 11.94
C LEU B 121 3.14 -22.14 11.01
N LEU B 122 4.44 -22.26 11.25
CA LEU B 122 5.27 -23.15 10.41
C LEU B 122 4.71 -24.58 10.45
N GLU B 123 4.30 -25.04 11.64
CA GLU B 123 3.76 -26.40 11.77
C GLU B 123 2.44 -26.49 11.00
N CYS B 124 1.58 -25.47 11.14
CA CYS B 124 0.34 -25.47 10.37
C CYS B 124 0.62 -25.49 8.87
N ILE B 125 1.66 -24.79 8.44
CA ILE B 125 2.01 -24.78 7.03
C ILE B 125 2.53 -26.15 6.60
N ARG B 126 3.37 -26.75 7.44
CA ARG B 126 3.88 -28.10 7.16
C ARG B 126 2.69 -29.04 6.95
N ARG B 127 1.75 -29.01 7.90
CA ARG B 127 0.56 -29.86 7.84
C ARG B 127 -0.20 -29.65 6.55
N LEU B 128 -0.36 -28.38 6.16
CA LEU B 128 -1.07 -28.06 4.91
C LEU B 128 -0.34 -28.62 3.72
N ILE B 129 0.97 -28.42 3.65
CA ILE B 129 1.71 -28.94 2.51
C ILE B 129 1.65 -30.48 2.54
N GLU B 130 1.68 -31.06 3.74
CA GLU B 130 1.60 -32.52 3.89
C GLU B 130 0.30 -33.00 3.24
N VAL B 131 -0.82 -32.33 3.55
CA VAL B 131 -2.12 -32.67 2.95
C VAL B 131 -2.07 -32.59 1.42
N ASP B 132 -1.44 -31.54 0.87
CA ASP B 132 -1.37 -31.38 -0.59
C ASP B 132 -0.03 -31.84 -1.21
N LYS B 133 0.70 -32.72 -0.52
CA LYS B 133 2.03 -33.15 -0.98
C LYS B 133 2.11 -33.60 -2.45
N ASP B 134 1.06 -34.22 -2.95
CA ASP B 134 1.04 -34.70 -4.33
C ASP B 134 1.00 -33.59 -5.37
N TRP B 135 0.74 -32.35 -4.92
CA TRP B 135 0.83 -31.21 -5.83
C TRP B 135 2.28 -30.73 -6.01
N VAL B 136 3.18 -31.11 -5.12
CA VAL B 136 4.57 -30.64 -5.26
C VAL B 136 5.19 -31.35 -6.46
N PRO B 137 5.53 -30.61 -7.52
CA PRO B 137 6.14 -31.24 -8.67
C PRO B 137 7.58 -31.68 -8.38
N ASP B 138 8.13 -32.53 -9.25
CA ASP B 138 9.51 -32.99 -9.06
C ASP B 138 10.35 -32.98 -10.33
N ALA B 139 9.88 -32.32 -11.38
CA ALA B 139 10.70 -32.15 -12.58
C ALA B 139 11.78 -31.14 -12.23
N ALA B 140 12.86 -31.12 -13.01
CA ALA B 140 13.98 -30.23 -12.74
C ALA B 140 13.54 -28.76 -12.66
N GLY B 141 14.03 -28.07 -11.63
CA GLY B 141 13.77 -26.64 -11.46
C GLY B 141 12.36 -26.27 -11.02
N THR B 142 11.53 -27.26 -10.71
CA THR B 142 10.15 -26.99 -10.28
C THR B 142 10.05 -27.03 -8.78
N SER B 143 8.96 -26.47 -8.26
CA SER B 143 8.70 -26.39 -6.86
C SER B 143 7.25 -26.01 -6.57
N LEU B 144 6.91 -25.97 -5.29
CA LEU B 144 5.65 -25.48 -4.81
C LEU B 144 5.90 -24.11 -4.20
N TYR B 145 5.18 -23.10 -4.63
CA TYR B 145 5.29 -21.77 -4.04
C TYR B 145 4.24 -21.66 -2.96
N VAL B 146 4.67 -21.22 -1.78
CA VAL B 146 3.83 -21.09 -0.61
C VAL B 146 3.60 -19.59 -0.32
N ARG B 147 2.33 -19.19 -0.23
CA ARG B 147 1.95 -17.76 -0.09
C ARG B 147 1.09 -17.56 1.16
N PRO B 148 1.74 -17.25 2.29
CA PRO B 148 1.05 -16.86 3.50
C PRO B 148 0.65 -15.40 3.35
N VAL B 149 -0.51 -15.06 3.89
CA VAL B 149 -1.04 -13.71 3.86
C VAL B 149 -1.65 -13.39 5.20
N LEU B 150 -1.51 -12.14 5.65
CA LEU B 150 -2.18 -11.66 6.84
C LEU B 150 -2.84 -10.35 6.48
N ILE B 151 -4.14 -10.24 6.74
CA ILE B 151 -4.88 -9.02 6.42
C ILE B 151 -5.74 -8.57 7.57
N GLY B 152 -5.90 -7.24 7.68
CA GLY B 152 -6.82 -6.64 8.65
C GLY B 152 -8.21 -6.80 8.10
N ASN B 153 -9.22 -6.84 8.97
CA ASN B 153 -10.57 -7.04 8.45
C ASN B 153 -11.63 -6.32 9.29
N GLU B 154 -11.30 -5.09 9.66
CA GLU B 154 -12.19 -4.24 10.43
C GLU B 154 -13.36 -3.84 9.55
N PRO B 155 -14.61 -3.98 10.04
CA PRO B 155 -15.75 -3.57 9.24
C PRO B 155 -16.10 -2.09 9.49
N SER B 156 -15.10 -1.22 9.48
CA SER B 156 -15.33 0.21 9.65
C SER B 156 -14.29 1.04 8.91
N LEU B 157 -14.68 2.28 8.60
CA LEU B 157 -13.87 3.19 7.79
C LEU B 157 -12.84 4.01 8.56
N GLY B 158 -12.83 3.92 9.88
CA GLY B 158 -11.77 4.60 10.63
C GLY B 158 -10.41 3.99 10.33
N VAL B 159 -9.39 4.82 10.11
CA VAL B 159 -8.02 4.32 9.96
C VAL B 159 -7.56 4.00 11.38
N SER B 160 -7.47 2.73 11.73
CA SER B 160 -7.11 2.38 13.11
C SER B 160 -6.60 0.94 13.25
N GLN B 161 -6.07 0.60 14.42
CA GLN B 161 -5.61 -0.77 14.64
C GLN B 161 -6.79 -1.70 14.50
N PRO B 162 -6.67 -2.74 13.65
CA PRO B 162 -7.80 -3.61 13.44
C PRO B 162 -8.10 -4.42 14.69
N THR B 163 -9.37 -4.75 14.86
CA THR B 163 -9.81 -5.60 15.96
C THR B 163 -10.14 -6.97 15.40
N ARG B 164 -10.02 -7.09 14.07
CA ARG B 164 -10.23 -8.34 13.36
C ARG B 164 -9.19 -8.51 12.24
N ALA B 165 -8.75 -9.74 12.05
CA ALA B 165 -7.77 -10.06 11.03
C ALA B 165 -7.98 -11.49 10.58
N LEU B 166 -7.44 -11.81 9.40
CA LEU B 166 -7.46 -13.15 8.85
C LEU B 166 -6.04 -13.50 8.41
N LEU B 167 -5.57 -14.68 8.81
CA LEU B 167 -4.30 -15.22 8.30
C LEU B 167 -4.60 -16.45 7.46
N PHE B 168 -4.20 -16.42 6.19
CA PHE B 168 -4.36 -17.58 5.34
C PHE B 168 -3.12 -17.92 4.52
N VAL B 169 -3.09 -19.13 4.01
CA VAL B 169 -1.97 -19.62 3.22
C VAL B 169 -2.49 -20.41 2.04
N ILE B 170 -2.03 -20.06 0.84
CA ILE B 170 -2.39 -20.77 -0.36
C ILE B 170 -1.12 -21.28 -1.06
N LEU B 171 -1.29 -22.27 -1.93
CA LEU B 171 -0.15 -22.98 -2.54
C LEU B 171 -0.26 -23.04 -4.05
N CYS B 172 0.87 -22.82 -4.73
N CYS B 172 0.88 -22.95 -4.73
CA CYS B 172 0.94 -22.86 -6.17
CA CYS B 172 0.92 -22.81 -6.17
C CYS B 172 2.06 -23.77 -6.63
C CYS B 172 2.07 -23.61 -6.82
N PRO B 173 1.76 -24.74 -7.51
CA PRO B 173 2.87 -25.48 -8.16
C PRO B 173 3.47 -24.60 -9.25
N VAL B 174 4.79 -24.53 -9.33
CA VAL B 174 5.42 -23.72 -10.37
C VAL B 174 6.45 -24.46 -11.21
N GLY B 175 6.59 -24.02 -12.45
CA GLY B 175 7.55 -24.60 -13.36
C GLY B 175 8.91 -23.98 -13.15
N ALA B 176 9.87 -24.38 -13.98
CA ALA B 176 11.22 -23.84 -13.93
C ALA B 176 11.22 -22.36 -14.33
N TYR B 177 11.97 -21.53 -13.61
CA TYR B 177 12.09 -20.10 -13.96
C TYR B 177 12.85 -19.95 -15.27
N PHE B 178 13.88 -20.79 -15.45
CA PHE B 178 14.64 -20.85 -16.70
C PHE B 178 14.20 -22.13 -17.42
N PRO B 179 13.22 -22.02 -18.34
CA PRO B 179 12.65 -23.19 -19.03
C PRO B 179 13.69 -24.04 -19.78
N GLY B 180 14.63 -23.37 -20.44
CA GLY B 180 15.71 -24.06 -21.15
C GLY B 180 16.69 -24.78 -20.22
N GLY B 181 16.51 -24.60 -18.91
CA GLY B 181 17.36 -25.24 -17.90
C GLY B 181 18.68 -24.52 -17.69
N SER B 182 18.81 -23.32 -18.24
CA SER B 182 20.05 -22.53 -18.15
C SER B 182 19.74 -21.06 -17.92
N VAL B 183 20.49 -20.43 -17.00
CA VAL B 183 20.34 -19.00 -16.72
C VAL B 183 20.38 -18.15 -17.98
N THR B 184 19.38 -17.28 -18.09
CA THR B 184 19.26 -16.32 -19.19
C THR B 184 19.26 -14.91 -18.59
N PRO B 185 20.07 -14.00 -19.14
CA PRO B 185 20.20 -12.68 -18.51
C PRO B 185 19.06 -11.70 -18.84
N VAL B 186 18.88 -10.66 -18.01
CA VAL B 186 17.82 -9.67 -18.22
C VAL B 186 18.38 -8.29 -18.46
N SER B 187 17.56 -7.42 -19.05
CA SER B 187 17.92 -6.02 -19.24
C SER B 187 17.11 -5.20 -18.23
N LEU B 188 17.72 -4.13 -17.71
CA LEU B 188 17.11 -3.29 -16.68
C LEU B 188 16.96 -1.84 -17.14
N LEU B 189 15.85 -1.22 -16.78
CA LEU B 189 15.67 0.22 -16.94
C LEU B 189 16.10 0.91 -15.63
N ALA B 190 17.07 1.81 -15.71
CA ALA B 190 17.56 2.57 -14.57
C ALA B 190 17.24 4.04 -14.71
N ASP B 191 16.09 4.45 -14.19
CA ASP B 191 15.66 5.84 -14.22
C ASP B 191 15.39 6.37 -12.81
N PRO B 192 16.20 7.34 -12.33
CA PRO B 192 16.04 7.90 -10.98
C PRO B 192 14.68 8.53 -10.65
N ALA B 193 13.84 8.75 -11.66
CA ALA B 193 12.50 9.29 -11.44
C ALA B 193 11.61 8.37 -10.60
N PHE B 194 11.85 7.06 -10.72
CA PHE B 194 11.06 6.02 -10.05
C PHE B 194 11.67 5.63 -8.71
N ILE B 195 10.92 5.83 -7.62
CA ILE B 195 11.43 5.53 -6.27
C ILE B 195 10.59 4.47 -5.55
N ARG B 196 11.21 3.32 -5.30
CA ARG B 196 10.52 2.17 -4.72
C ARG B 196 10.22 2.33 -3.24
N ALA B 197 11.16 2.94 -2.52
CA ALA B 197 11.13 3.03 -1.07
C ALA B 197 12.05 4.13 -0.60
N TRP B 198 11.82 4.60 0.62
CA TRP B 198 12.53 5.74 1.20
C TRP B 198 12.98 5.37 2.61
N VAL B 199 14.10 5.94 3.06
CA VAL B 199 14.57 5.74 4.42
C VAL B 199 13.49 6.26 5.39
N GLY B 200 13.15 5.46 6.39
CA GLY B 200 12.08 5.80 7.31
C GLY B 200 10.75 5.27 6.82
N GLY B 201 10.72 4.66 5.65
CA GLY B 201 9.48 4.15 5.09
C GLY B 201 9.29 2.69 5.46
N VAL B 202 8.65 1.93 4.57
CA VAL B 202 8.32 0.52 4.80
C VAL B 202 8.79 -0.45 3.70
N GLY B 203 9.79 -0.04 2.91
CA GLY B 203 10.31 -0.88 1.85
C GLY B 203 11.02 -2.13 2.33
N ASN B 204 11.43 -2.14 3.59
CA ASN B 204 12.07 -3.29 4.19
C ASN B 204 11.09 -4.30 4.77
N TYR B 205 9.80 -4.10 4.55
CA TYR B 205 8.76 -5.07 4.94
C TYR B 205 8.05 -5.56 3.68
N LYS B 206 7.56 -6.79 3.72
CA LYS B 206 6.87 -7.37 2.57
C LYS B 206 5.36 -7.05 2.68
N LEU B 207 5.04 -5.76 2.49
CA LEU B 207 3.68 -5.27 2.55
C LEU B 207 3.17 -5.06 1.14
N GLY B 208 1.89 -5.36 0.93
CA GLY B 208 1.24 -5.21 -0.36
C GLY B 208 1.40 -3.82 -0.95
N GLY B 209 1.33 -2.79 -0.09
CA GLY B 209 1.51 -1.39 -0.48
C GLY B 209 2.77 -1.05 -1.27
N ASN B 210 3.81 -1.85 -1.11
CA ASN B 210 5.06 -1.61 -1.80
C ASN B 210 5.07 -2.06 -3.27
N TYR B 211 4.08 -2.86 -3.67
CA TYR B 211 4.09 -3.53 -4.97
C TYR B 211 3.13 -2.91 -6.00
N GLY B 212 1.93 -2.55 -5.56
CA GLY B 212 0.95 -1.90 -6.46
C GLY B 212 1.53 -0.77 -7.31
N PRO B 213 2.20 0.19 -6.68
CA PRO B 213 2.79 1.32 -7.40
C PRO B 213 3.85 0.96 -8.44
N THR B 214 4.39 -0.27 -8.39
CA THR B 214 5.45 -0.63 -9.31
C THR B 214 4.92 -1.13 -10.65
N VAL B 215 3.63 -1.45 -10.72
CA VAL B 215 3.03 -2.02 -11.94
C VAL B 215 3.25 -1.07 -13.11
N LEU B 216 2.89 0.19 -12.91
CA LEU B 216 3.09 1.20 -13.97
C LEU B 216 4.56 1.37 -14.37
N VAL B 217 5.46 1.26 -13.40
CA VAL B 217 6.86 1.44 -13.69
C VAL B 217 7.37 0.26 -14.51
N GLN B 218 6.93 -0.94 -14.17
CA GLN B 218 7.28 -2.14 -14.94
C GLN B 218 6.78 -2.01 -16.40
N GLN B 219 5.60 -1.44 -16.58
CA GLN B 219 5.10 -1.21 -17.95
C GLN B 219 6.01 -0.26 -18.71
N GLU B 220 6.52 0.77 -18.04
CA GLU B 220 7.44 1.71 -18.68
C GLU B 220 8.75 1.02 -19.07
N ALA B 221 9.21 0.10 -18.23
CA ALA B 221 10.41 -0.67 -18.54
C ALA B 221 10.22 -1.45 -19.84
N LEU B 222 9.10 -2.17 -19.95
CA LEU B 222 8.79 -2.93 -21.15
C LEU B 222 8.68 -1.99 -22.34
N LYS B 223 8.02 -0.85 -22.13
CA LYS B 223 7.85 0.15 -23.17
C LYS B 223 9.22 0.56 -23.74
N ARG B 224 10.18 0.84 -22.87
N ARG B 224 10.18 0.83 -22.86
CA ARG B 224 11.52 1.26 -23.29
CA ARG B 224 11.52 1.27 -23.27
C ARG B 224 12.46 0.11 -23.68
C ARG B 224 12.46 0.12 -23.67
N GLY B 225 11.92 -1.09 -23.87
CA GLY B 225 12.71 -2.24 -24.32
C GLY B 225 13.47 -3.03 -23.28
N CYS B 226 13.24 -2.76 -22.00
CA CYS B 226 13.88 -3.49 -20.90
C CYS B 226 12.92 -4.49 -20.27
N GLU B 227 13.44 -5.45 -19.52
CA GLU B 227 12.62 -6.51 -18.91
C GLU B 227 12.25 -6.28 -17.45
N GLN B 228 13.11 -5.59 -16.70
CA GLN B 228 12.80 -5.29 -15.28
C GLN B 228 13.30 -3.92 -14.91
N VAL B 229 12.95 -3.49 -13.69
CA VAL B 229 13.29 -2.18 -13.21
C VAL B 229 14.50 -2.25 -12.27
N LEU B 230 15.52 -1.43 -12.51
CA LEU B 230 16.61 -1.26 -11.55
C LEU B 230 16.24 -0.08 -10.69
N TRP B 231 15.93 -0.33 -9.41
CA TRP B 231 15.49 0.74 -8.52
C TRP B 231 16.64 1.53 -7.96
N LEU B 232 16.69 2.81 -8.30
CA LEU B 232 17.75 3.68 -7.85
C LEU B 232 17.26 4.56 -6.69
N TYR B 233 18.18 4.90 -5.79
CA TYR B 233 17.88 5.72 -4.63
C TYR B 233 18.98 6.73 -4.35
N GLY B 234 18.58 7.92 -3.96
CA GLY B 234 19.49 8.96 -3.50
C GLY B 234 20.06 9.82 -4.62
N PRO B 235 20.65 10.96 -4.26
CA PRO B 235 21.26 11.83 -5.27
C PRO B 235 22.46 11.14 -5.91
N ASP B 236 23.02 10.15 -5.22
CA ASP B 236 24.18 9.41 -5.74
C ASP B 236 23.79 8.15 -6.53
N HIS B 237 22.49 7.97 -6.77
CA HIS B 237 21.97 6.90 -7.62
C HIS B 237 22.44 5.52 -7.17
N GLN B 238 22.06 5.17 -5.95
CA GLN B 238 22.40 3.87 -5.37
C GLN B 238 21.56 2.79 -6.04
N LEU B 239 22.19 1.67 -6.38
CA LEU B 239 21.49 0.53 -6.92
C LEU B 239 20.93 -0.21 -5.72
N THR B 240 19.60 -0.31 -5.62
CA THR B 240 19.01 -0.91 -4.42
C THR B 240 18.46 -2.32 -4.63
N GLU B 241 17.62 -2.48 -5.65
CA GLU B 241 16.99 -3.74 -5.97
C GLU B 241 16.68 -3.83 -7.45
N VAL B 242 16.46 -5.06 -7.92
CA VAL B 242 16.12 -5.34 -9.31
C VAL B 242 14.75 -5.99 -9.32
N GLY B 243 13.74 -5.25 -9.75
CA GLY B 243 12.36 -5.75 -9.75
C GLY B 243 11.99 -6.07 -8.32
N THR B 244 11.71 -7.35 -8.04
CA THR B 244 11.46 -7.81 -6.69
C THR B 244 12.58 -8.76 -6.24
N MET B 245 13.81 -8.44 -6.65
CA MET B 245 14.99 -9.21 -6.30
C MET B 245 16.05 -8.29 -5.68
N ASN B 246 16.82 -8.81 -4.74
CA ASN B 246 17.97 -8.11 -4.23
C ASN B 246 19.05 -8.09 -5.31
N ILE B 247 19.97 -7.14 -5.23
CA ILE B 247 21.01 -7.00 -6.25
C ILE B 247 22.40 -7.30 -5.68
N PHE B 248 23.18 -8.01 -6.48
CA PHE B 248 24.55 -8.38 -6.13
C PHE B 248 25.48 -7.98 -7.27
N VAL B 249 26.68 -7.54 -6.90
CA VAL B 249 27.73 -7.27 -7.87
C VAL B 249 29.00 -8.02 -7.47
N TYR B 250 29.60 -8.70 -8.44
CA TYR B 250 30.84 -9.44 -8.29
C TYR B 250 31.86 -8.71 -9.13
N TRP B 251 32.85 -8.12 -8.46
CA TRP B 251 33.82 -7.28 -9.14
C TRP B 251 35.13 -7.16 -8.40
N THR B 252 36.14 -6.61 -9.09
CA THR B 252 37.38 -6.19 -8.46
C THR B 252 37.12 -4.76 -8.04
N HIS B 253 37.14 -4.51 -6.72
CA HIS B 253 36.82 -3.19 -6.18
C HIS B 253 37.96 -2.21 -6.43
N GLU B 254 37.67 -0.92 -6.26
CA GLU B 254 38.64 0.16 -6.44
C GLU B 254 39.98 -0.04 -5.71
N ASP B 255 39.96 -0.78 -4.60
CA ASP B 255 41.19 -1.08 -3.86
C ASP B 255 41.93 -2.30 -4.43
N GLY B 256 41.50 -2.81 -5.58
CA GLY B 256 42.14 -3.97 -6.23
C GLY B 256 41.77 -5.34 -5.66
N VAL B 257 40.83 -5.39 -4.71
CA VAL B 257 40.41 -6.65 -4.09
C VAL B 257 39.13 -7.18 -4.72
N LEU B 258 39.13 -8.45 -5.10
CA LEU B 258 37.97 -9.15 -5.65
C LEU B 258 36.92 -9.31 -4.56
N GLU B 259 35.71 -8.85 -4.82
CA GLU B 259 34.64 -8.95 -3.81
C GLU B 259 33.25 -9.18 -4.39
N LEU B 260 32.38 -9.70 -3.52
CA LEU B 260 30.94 -9.77 -3.78
C LEU B 260 30.31 -8.75 -2.86
N VAL B 261 29.52 -7.83 -3.42
CA VAL B 261 28.89 -6.75 -2.65
C VAL B 261 27.40 -6.69 -2.92
N THR B 262 26.64 -6.38 -1.89
CA THR B 262 25.19 -6.20 -2.00
C THR B 262 24.87 -4.99 -1.08
N PRO B 263 23.86 -4.18 -1.41
CA PRO B 263 23.54 -3.07 -0.52
C PRO B 263 23.13 -3.50 0.89
N PRO B 264 23.50 -2.71 1.92
CA PRO B 264 23.19 -3.02 3.30
C PRO B 264 21.72 -2.79 3.65
N LEU B 265 21.29 -3.38 4.76
CA LEU B 265 19.92 -3.29 5.21
C LEU B 265 19.74 -2.03 6.00
N ASN B 266 19.67 -0.90 5.29
CA ASN B 266 19.55 0.41 5.90
C ASN B 266 18.12 0.95 5.90
N GLY B 267 17.16 0.16 5.45
CA GLY B 267 15.77 0.59 5.41
C GLY B 267 15.09 0.52 4.05
N VAL B 268 15.83 0.71 2.96
CA VAL B 268 15.19 0.68 1.63
C VAL B 268 15.36 -0.66 0.92
N ILE B 269 15.92 -1.65 1.63
CA ILE B 269 16.22 -2.95 1.04
C ILE B 269 15.37 -3.98 1.73
N LEU B 270 14.67 -4.81 0.96
CA LEU B 270 13.95 -5.95 1.52
C LEU B 270 14.97 -7.05 1.90
N PRO B 271 14.99 -7.48 3.17
CA PRO B 271 15.97 -8.52 3.56
C PRO B 271 15.60 -9.89 3.01
N GLY B 272 16.02 -10.16 1.78
CA GLY B 272 15.70 -11.42 1.14
C GLY B 272 16.33 -12.63 1.78
N VAL B 273 15.63 -13.75 1.75
CA VAL B 273 16.15 -15.00 2.29
C VAL B 273 17.24 -15.55 1.37
N VAL B 274 17.09 -15.40 0.07
CA VAL B 274 18.11 -15.87 -0.87
C VAL B 274 19.34 -15.01 -0.71
N ARG B 275 19.13 -13.69 -0.65
CA ARG B 275 20.19 -12.72 -0.38
C ARG B 275 21.06 -13.16 0.80
N GLN B 276 20.42 -13.43 1.94
CA GLN B 276 21.16 -13.83 3.13
C GLN B 276 21.93 -15.14 2.89
N SER B 277 21.30 -16.06 2.16
CA SER B 277 21.89 -17.35 1.84
C SER B 277 23.13 -17.24 0.95
N LEU B 278 23.10 -16.31 -0.01
CA LEU B 278 24.22 -16.09 -0.88
C LEU B 278 25.40 -15.53 -0.11
N LEU B 279 25.13 -14.58 0.78
CA LEU B 279 26.17 -14.04 1.63
C LEU B 279 26.74 -15.13 2.54
N ASP B 280 25.86 -15.96 3.10
CA ASP B 280 26.28 -17.04 4.01
C ASP B 280 27.22 -18.02 3.28
N MET B 281 26.82 -18.44 2.07
CA MET B 281 27.62 -19.35 1.27
C MET B 281 28.98 -18.77 0.92
N ALA B 282 28.98 -17.55 0.38
CA ALA B 282 30.22 -16.89 -0.03
C ALA B 282 31.16 -16.70 1.15
N GLN B 283 30.62 -16.44 2.33
CA GLN B 283 31.49 -16.26 3.50
C GLN B 283 32.08 -17.59 3.94
N THR B 284 31.28 -18.64 3.90
CA THR B 284 31.74 -19.99 4.24
C THR B 284 32.90 -20.43 3.34
N TRP B 285 32.82 -20.14 2.04
CA TRP B 285 33.90 -20.51 1.12
C TRP B 285 35.22 -19.84 1.49
N GLY B 286 35.18 -18.56 1.88
CA GLY B 286 36.38 -17.84 2.28
C GLY B 286 37.36 -17.62 1.15
N GLU B 287 36.86 -17.56 -0.08
CA GLU B 287 37.72 -17.41 -1.25
C GLU B 287 37.89 -15.96 -1.69
N PHE B 288 36.93 -15.11 -1.34
CA PHE B 288 37.00 -13.69 -1.66
C PHE B 288 36.20 -12.87 -0.64
N ARG B 289 36.38 -11.57 -0.69
CA ARG B 289 35.72 -10.66 0.22
C ARG B 289 34.21 -10.62 -0.06
N VAL B 290 33.43 -10.70 1.01
CA VAL B 290 31.97 -10.60 0.96
C VAL B 290 31.61 -9.39 1.82
N VAL B 291 30.91 -8.41 1.24
CA VAL B 291 30.63 -7.17 1.95
C VAL B 291 29.25 -6.59 1.66
N GLU B 292 28.66 -5.96 2.67
CA GLU B 292 27.41 -5.23 2.51
C GLU B 292 27.73 -3.73 2.43
N ARG B 293 27.62 -3.17 1.25
CA ARG B 293 27.98 -1.77 1.05
C ARG B 293 27.13 -1.17 -0.04
N THR B 294 26.85 0.12 0.09
CA THR B 294 26.17 0.89 -0.94
C THR B 294 26.91 0.81 -2.28
N ILE B 295 26.15 0.67 -3.36
CA ILE B 295 26.70 0.60 -4.73
C ILE B 295 26.08 1.73 -5.52
N THR B 296 26.91 2.63 -6.05
CA THR B 296 26.42 3.76 -6.81
C THR B 296 26.61 3.54 -8.31
N MET B 297 25.78 4.19 -9.11
CA MET B 297 25.94 4.11 -10.56
C MET B 297 27.32 4.61 -10.99
N LYS B 298 27.83 5.63 -10.30
CA LYS B 298 29.16 6.17 -10.57
C LYS B 298 30.24 5.10 -10.45
N GLN B 299 30.19 4.33 -9.35
CA GLN B 299 31.12 3.22 -9.15
C GLN B 299 30.99 2.18 -10.23
N LEU B 300 29.74 1.85 -10.55
CA LEU B 300 29.49 0.82 -11.56
C LEU B 300 30.02 1.26 -12.94
N LEU B 301 29.70 2.48 -13.35
CA LEU B 301 30.20 3.00 -14.61
C LEU B 301 31.73 2.91 -14.71
N ARG B 302 32.43 3.38 -13.69
CA ARG B 302 33.87 3.35 -13.68
C ARG B 302 34.39 1.92 -13.76
N ALA B 303 33.81 1.05 -12.94
CA ALA B 303 34.21 -0.37 -12.92
C ALA B 303 34.04 -1.02 -14.29
N LEU B 304 32.94 -0.70 -14.97
CA LEU B 304 32.72 -1.24 -16.31
C LEU B 304 33.76 -0.72 -17.32
N GLU B 305 34.07 0.57 -17.27
CA GLU B 305 35.07 1.15 -18.18
C GLU B 305 36.46 0.59 -17.91
N GLU B 306 36.73 0.20 -16.67
CA GLU B 306 38.03 -0.34 -16.32
C GLU B 306 38.09 -1.86 -16.41
N GLY B 307 37.01 -2.50 -16.91
CA GLY B 307 36.96 -3.96 -17.04
C GLY B 307 37.01 -4.72 -15.70
N ARG B 308 36.50 -4.09 -14.65
CA ARG B 308 36.58 -4.67 -13.32
C ARG B 308 35.33 -5.43 -12.87
N VAL B 309 34.23 -5.28 -13.59
CA VAL B 309 32.98 -5.97 -13.26
C VAL B 309 33.00 -7.38 -13.85
N ARG B 310 32.75 -8.38 -13.01
CA ARG B 310 32.61 -9.74 -13.51
C ARG B 310 31.16 -10.17 -13.73
N GLU B 311 30.31 -10.00 -12.71
CA GLU B 311 28.92 -10.47 -12.77
C GLU B 311 27.98 -9.56 -12.00
N VAL B 312 26.77 -9.37 -12.54
CA VAL B 312 25.72 -8.59 -11.85
C VAL B 312 24.46 -9.47 -11.91
N PHE B 313 23.79 -9.61 -10.78
CA PHE B 313 22.62 -10.47 -10.74
C PHE B 313 21.65 -10.12 -9.62
N GLY B 314 20.40 -10.53 -9.82
CA GLY B 314 19.38 -10.42 -8.78
C GLY B 314 19.27 -11.75 -8.04
N SER B 315 18.79 -11.69 -6.79
CA SER B 315 18.49 -12.87 -6.02
C SER B 315 17.06 -12.77 -5.49
N GLY B 316 16.37 -13.90 -5.48
CA GLY B 316 15.04 -14.00 -4.89
C GLY B 316 14.47 -15.39 -5.07
N THR B 317 13.38 -15.67 -4.36
CA THR B 317 12.72 -16.97 -4.38
C THR B 317 12.26 -17.41 -5.79
N ALA B 318 11.86 -16.45 -6.61
CA ALA B 318 11.39 -16.73 -7.98
C ALA B 318 12.37 -17.53 -8.84
N CYS B 319 13.63 -17.05 -8.87
CA CYS B 319 14.67 -17.59 -9.76
C CYS B 319 15.92 -18.13 -9.05
N GLN B 320 16.03 -17.80 -7.76
CA GLN B 320 17.22 -18.00 -6.96
C GLN B 320 18.24 -16.94 -7.38
N VAL B 321 18.78 -17.05 -8.61
CA VAL B 321 19.80 -16.13 -9.10
C VAL B 321 19.52 -15.80 -10.56
N CYS B 322 19.55 -14.50 -10.89
CA CYS B 322 19.18 -14.03 -12.22
C CYS B 322 20.21 -13.06 -12.80
N PRO B 323 20.90 -13.48 -13.88
CA PRO B 323 21.93 -12.63 -14.47
C PRO B 323 21.38 -11.37 -15.12
N VAL B 324 22.19 -10.32 -15.15
CA VAL B 324 21.87 -9.08 -15.80
C VAL B 324 22.94 -8.83 -16.86
N HIS B 325 22.53 -8.46 -18.07
CA HIS B 325 23.46 -8.18 -19.18
C HIS B 325 23.43 -6.76 -19.75
N ARG B 326 22.45 -5.96 -19.35
CA ARG B 326 22.26 -4.62 -19.90
C ARG B 326 21.49 -3.73 -18.93
N ILE B 327 21.95 -2.48 -18.78
CA ILE B 327 21.23 -1.48 -18.01
C ILE B 327 21.09 -0.22 -18.86
N LEU B 328 19.85 0.22 -19.06
CA LEU B 328 19.55 1.45 -19.79
C LEU B 328 19.47 2.61 -18.80
N TYR B 329 20.52 3.44 -18.79
CA TYR B 329 20.65 4.57 -17.84
C TYR B 329 20.88 5.87 -18.59
N LYS B 330 20.02 6.85 -18.37
CA LYS B 330 20.12 8.15 -19.04
C LYS B 330 20.23 7.98 -20.55
N ASP B 331 19.27 7.26 -21.12
CA ASP B 331 19.18 7.00 -22.56
C ASP B 331 20.38 6.25 -23.16
N ARG B 332 21.29 5.80 -22.30
CA ARG B 332 22.52 5.11 -22.71
C ARG B 332 22.51 3.65 -22.25
N ASN B 333 22.77 2.73 -23.18
CA ASN B 333 22.77 1.29 -22.88
C ASN B 333 24.11 0.82 -22.39
N LEU B 334 24.16 0.37 -21.14
CA LEU B 334 25.38 -0.17 -20.56
C LEU B 334 25.36 -1.68 -20.69
N HIS B 335 26.36 -2.24 -21.35
CA HIS B 335 26.51 -3.69 -21.39
C HIS B 335 27.17 -4.18 -20.11
N ILE B 336 26.60 -5.24 -19.53
CA ILE B 336 27.14 -5.85 -18.32
C ILE B 336 27.68 -7.22 -18.74
N PRO B 337 28.99 -7.46 -18.56
CA PRO B 337 29.59 -8.68 -19.10
C PRO B 337 29.41 -9.95 -18.27
N THR B 338 28.26 -10.06 -17.59
CA THR B 338 27.98 -11.20 -16.72
C THR B 338 28.15 -12.56 -17.38
N MET B 339 27.48 -12.79 -18.51
CA MET B 339 27.56 -14.08 -19.19
C MET B 339 28.99 -14.35 -19.72
N GLU B 340 29.71 -13.31 -20.11
CA GLU B 340 31.09 -13.48 -20.59
C GLU B 340 32.02 -14.03 -19.50
N ASN B 341 31.61 -13.90 -18.23
CA ASN B 341 32.41 -14.36 -17.10
C ASN B 341 31.91 -15.69 -16.54
N GLY B 342 31.16 -16.42 -17.37
CA GLY B 342 30.73 -17.78 -17.05
C GLY B 342 29.26 -17.99 -17.29
N PRO B 343 28.40 -17.43 -16.42
CA PRO B 343 28.72 -16.65 -15.22
C PRO B 343 29.14 -17.60 -14.09
N GLU B 344 30.43 -17.59 -13.75
CA GLU B 344 30.98 -18.56 -12.79
C GLU B 344 30.33 -18.54 -11.41
N LEU B 345 30.24 -17.36 -10.81
CA LEU B 345 29.65 -17.24 -9.47
C LEU B 345 28.19 -17.61 -9.49
N ILE B 346 27.45 -17.03 -10.44
CA ILE B 346 26.03 -17.38 -10.58
C ILE B 346 25.84 -18.90 -10.66
N LEU B 347 26.57 -19.56 -11.56
CA LEU B 347 26.44 -21.01 -11.73
C LEU B 347 26.78 -21.78 -10.47
N ARG B 348 27.78 -21.32 -9.74
CA ARG B 348 28.22 -21.97 -8.51
C ARG B 348 27.14 -21.88 -7.42
N PHE B 349 26.58 -20.68 -7.25
CA PHE B 349 25.47 -20.47 -6.32
C PHE B 349 24.25 -21.32 -6.69
N GLN B 350 23.87 -21.32 -7.98
N GLN B 350 23.87 -21.32 -7.97
CA GLN B 350 22.73 -22.08 -8.49
CA GLN B 350 22.71 -22.09 -8.40
C GLN B 350 22.88 -23.57 -8.16
C GLN B 350 22.88 -23.59 -8.16
N LYS B 351 24.08 -24.09 -8.40
CA LYS B 351 24.34 -25.50 -8.21
C LYS B 351 24.28 -25.86 -6.73
N GLU B 352 24.90 -25.07 -5.87
CA GLU B 352 24.87 -25.40 -4.43
C GLU B 352 23.46 -25.30 -3.87
N LEU B 353 22.71 -24.26 -4.27
CA LEU B 353 21.32 -24.14 -3.82
C LEU B 353 20.47 -25.33 -4.29
N LYS B 354 20.66 -25.70 -5.55
CA LYS B 354 19.96 -26.84 -6.13
C LYS B 354 20.25 -28.10 -5.31
N GLU B 355 21.53 -28.32 -5.03
CA GLU B 355 21.92 -29.53 -4.28
C GLU B 355 21.30 -29.52 -2.87
N ILE B 356 21.31 -28.38 -2.22
CA ILE B 356 20.70 -28.29 -0.89
C ILE B 356 19.14 -28.44 -0.96
N GLN B 357 18.53 -27.70 -1.87
CA GLN B 357 17.06 -27.63 -1.93
C GLN B 357 16.41 -28.96 -2.32
N TYR B 358 17.05 -29.73 -3.20
CA TYR B 358 16.51 -31.02 -3.62
C TYR B 358 17.11 -32.19 -2.80
N GLY B 359 17.81 -31.89 -1.70
CA GLY B 359 18.32 -32.92 -0.78
C GLY B 359 19.50 -33.75 -1.23
N ILE B 360 20.18 -33.32 -2.30
CA ILE B 360 21.40 -33.97 -2.77
C ILE B 360 22.49 -33.91 -1.69
N ARG B 361 22.57 -32.79 -0.98
CA ARG B 361 23.45 -32.66 0.19
C ARG B 361 22.58 -32.35 1.39
N ALA B 362 22.74 -33.09 2.47
CA ALA B 362 22.01 -32.81 3.70
C ALA B 362 22.39 -31.42 4.23
N HIS B 363 21.44 -30.69 4.80
CA HIS B 363 21.72 -29.33 5.27
C HIS B 363 20.63 -28.84 6.22
N GLU B 364 21.06 -28.14 7.26
CA GLU B 364 20.16 -27.61 8.29
C GLU B 364 19.20 -26.53 7.75
N TRP B 365 19.51 -25.96 6.59
CA TRP B 365 18.64 -24.98 5.96
C TRP B 365 17.30 -25.60 5.53
N MET B 366 17.28 -26.91 5.29
CA MET B 366 16.06 -27.55 4.82
C MET B 366 15.19 -28.04 5.96
N PHE B 367 13.89 -27.73 5.86
CA PHE B 367 12.90 -28.11 6.85
C PHE B 367 12.04 -29.20 6.23
N PRO B 368 12.09 -30.42 6.79
CA PRO B 368 11.34 -31.50 6.17
C PRO B 368 9.84 -31.41 6.48
N VAL B 369 9.03 -31.73 5.48
CA VAL B 369 7.58 -31.79 5.61
C VAL B 369 7.17 -33.23 5.91
#